data_7YZK
#
_entry.id   7YZK
#
_cell.length_a   1.00
_cell.length_b   1.00
_cell.length_c   1.00
_cell.angle_alpha   90.00
_cell.angle_beta   90.00
_cell.angle_gamma   90.00
#
_symmetry.space_group_name_H-M   'P 1'
#
loop_
_entity.id
_entity.type
_entity.pdbx_description
1 polymer 'Adenylate cyclase'
2 polymer 'Nanobody Nb4'
3 non-polymer "3'-O-(N-METHYLANTHRANILOYL)-GUANOSINE-5'-TRIPHOSPHATE"
4 non-polymer 'MANGANESE (II) ION'
#
loop_
_entity_poly.entity_id
_entity_poly.type
_entity_poly.pdbx_seq_one_letter_code
_entity_poly.pdbx_strand_id
1 'polypeptide(L)'
;MGSAWSHPQFEKGSGLEVLFQGPSGHMAARKCGAPPIAADGSTRRPDCVTAVRTQARAPTQHYAESVARRQRVLTITAWL
AVVVTGSFALMQLATGAGGWYIALINVFTAVTFAIVPLLHRFGGLVAPLTFIGTAYVAIFAIGWDVGTDAGAQFFFLVAA
ALVVLLVGIEHTALAVGLAAVAAGLVIALEFLVPPDTGLQPPWAMSVSFVLTTVSACGVAVATVWFALRDTARAEAVMEA
EHDRSEALLANMLPASIAERLKEPERNIIADKYDEASVLFADIVGFTERASSTAPADLVRFLDRLYSAFDELVDQHGLEK
IKVSGDSYMVVSGVPRPRPDHTQALADFALDMTNVAAQLKDPRGNPVPLRVGLATGPVVAGVVGSRRFFYDVWGDAVNVA
SRMESTDSVGQIQVPDEVYERLKDDFVLRERGHINVKGKGVMRTWYLIGRKVAADPGEVRGAEPRTAGVAAA
;
A,B
2 'polypeptide(L)'
;MAQWQLVESGGGLVQAGGSLRLSCTASGIILSINSMGWYRQTAGNEREWVAFSTAGGSTTYADSVKGRFTISRDNAKNTV
YLQMNSLKPEDTAVYYCNTPAGRVGGTWGQGTPVTVSSHHHHHHEPEA
;
C,D
#
loop_
_chem_comp.id
_chem_comp.type
_chem_comp.name
_chem_comp.formula
MN non-polymer 'MANGANESE (II) ION' 'Mn 2'
ONM non-polymer 3'-O-(N-METHYLANTHRANILOYL)-GUANOSINE-5'-TRIPHOSPHATE 'C18 H23 N6 O15 P3'
#
# COMPACT_ATOMS: atom_id res chain seq x y z
N VAL A 67 -14.75 -9.57 -4.26
CA VAL A 67 -15.49 -10.71 -4.80
C VAL A 67 -14.53 -11.69 -5.46
N ALA A 68 -13.24 -11.54 -5.16
CA ALA A 68 -12.23 -12.42 -5.75
C ALA A 68 -12.42 -13.86 -5.30
N ARG A 69 -12.75 -14.08 -4.03
CA ARG A 69 -12.96 -15.43 -3.52
C ARG A 69 -14.12 -16.11 -4.25
N ARG A 70 -15.21 -15.38 -4.46
CA ARG A 70 -16.34 -15.95 -5.19
C ARG A 70 -15.94 -16.35 -6.60
N GLN A 71 -15.16 -15.48 -7.26
CA GLN A 71 -14.70 -15.80 -8.61
C GLN A 71 -13.80 -17.03 -8.63
N ARG A 72 -12.93 -17.15 -7.62
CA ARG A 72 -12.08 -18.34 -7.55
C ARG A 72 -12.93 -19.60 -7.43
N VAL A 73 -13.91 -19.59 -6.52
CA VAL A 73 -14.78 -20.75 -6.35
C VAL A 73 -15.50 -21.07 -7.65
N LEU A 74 -16.05 -20.05 -8.30
CA LEU A 74 -16.82 -20.29 -9.52
C LEU A 74 -15.92 -20.83 -10.63
N THR A 75 -14.71 -20.29 -10.76
CA THR A 75 -13.80 -20.76 -11.79
C THR A 75 -13.44 -22.22 -11.58
N ILE A 76 -13.10 -22.59 -10.34
CA ILE A 76 -12.70 -23.97 -10.10
C ILE A 76 -13.87 -24.92 -10.33
N THR A 77 -15.08 -24.53 -9.90
CA THR A 77 -16.21 -25.43 -10.11
C THR A 77 -16.53 -25.58 -11.61
N ALA A 78 -16.41 -24.48 -12.37
CA ALA A 78 -16.66 -24.59 -13.81
C ALA A 78 -15.66 -25.51 -14.48
N TRP A 79 -14.37 -25.34 -14.18
CA TRP A 79 -13.37 -26.21 -14.79
C TRP A 79 -13.56 -27.65 -14.35
N LEU A 80 -13.96 -27.86 -13.10
CA LEU A 80 -14.25 -29.20 -12.60
C LEU A 80 -15.38 -29.84 -13.41
N ALA A 81 -16.45 -29.09 -13.65
CA ALA A 81 -17.56 -29.61 -14.43
C ALA A 81 -17.10 -29.97 -15.83
N VAL A 82 -16.31 -29.11 -16.46
CA VAL A 82 -15.84 -29.38 -17.82
C VAL A 82 -15.02 -30.67 -17.85
N VAL A 83 -14.10 -30.82 -16.90
CA VAL A 83 -13.22 -31.99 -16.93
C VAL A 83 -14.00 -33.27 -16.65
N VAL A 84 -14.97 -33.22 -15.74
CA VAL A 84 -15.74 -34.43 -15.44
C VAL A 84 -16.59 -34.83 -16.63
N THR A 85 -17.19 -33.86 -17.32
CA THR A 85 -17.92 -34.19 -18.54
C THR A 85 -17.00 -34.80 -19.59
N GLY A 86 -15.81 -34.23 -19.76
CA GLY A 86 -14.85 -34.80 -20.70
C GLY A 86 -14.50 -36.23 -20.36
N SER A 87 -14.31 -36.51 -19.07
CA SER A 87 -14.00 -37.89 -18.65
C SER A 87 -15.18 -38.82 -18.93
N PHE A 88 -16.40 -38.37 -18.62
CA PHE A 88 -17.57 -39.25 -18.76
C PHE A 88 -17.83 -39.58 -20.23
N ALA A 89 -17.58 -38.61 -21.12
CA ALA A 89 -17.82 -38.86 -22.54
C ALA A 89 -16.99 -40.03 -23.06
N LEU A 90 -15.73 -40.13 -22.60
CA LEU A 90 -14.87 -41.22 -23.05
C LEU A 90 -15.41 -42.57 -22.59
N MET A 91 -15.86 -42.66 -21.34
CA MET A 91 -16.47 -43.91 -20.88
C MET A 91 -17.68 -44.27 -21.71
N GLN A 92 -18.53 -43.28 -22.01
CA GLN A 92 -19.73 -43.57 -22.79
C GLN A 92 -19.38 -44.06 -24.19
N LEU A 93 -18.41 -43.40 -24.84
CA LEU A 93 -18.06 -43.80 -26.20
C LEU A 93 -17.41 -45.18 -26.21
N ALA A 94 -16.55 -45.47 -25.24
CA ALA A 94 -15.83 -46.74 -25.23
C ALA A 94 -16.78 -47.91 -25.02
N THR A 95 -17.83 -47.72 -24.22
CA THR A 95 -18.70 -48.83 -23.86
C THR A 95 -19.29 -49.48 -25.11
N GLY A 96 -19.28 -50.81 -25.13
CA GLY A 96 -19.85 -51.57 -26.23
C GLY A 96 -20.74 -52.70 -25.73
N ALA A 97 -21.94 -52.80 -26.29
CA ALA A 97 -22.90 -53.83 -25.89
C ALA A 97 -23.19 -53.78 -24.39
N GLY A 98 -23.23 -52.58 -23.82
CA GLY A 98 -23.48 -52.45 -22.40
C GLY A 98 -24.96 -52.45 -22.06
N GLY A 99 -25.79 -51.96 -22.96
CA GLY A 99 -27.22 -51.87 -22.74
C GLY A 99 -27.72 -50.43 -22.81
N TRP A 100 -29.04 -50.31 -22.92
CA TRP A 100 -29.69 -49.01 -23.04
C TRP A 100 -30.20 -48.47 -21.71
N TYR A 101 -30.49 -49.34 -20.75
CA TYR A 101 -30.95 -48.88 -19.44
C TYR A 101 -29.92 -47.97 -18.79
N ILE A 102 -28.64 -48.34 -18.90
CA ILE A 102 -27.58 -47.48 -18.37
C ILE A 102 -27.44 -46.22 -19.22
N ALA A 103 -27.69 -46.34 -20.53
CA ALA A 103 -27.56 -45.18 -21.42
C ALA A 103 -28.55 -44.08 -21.05
N LEU A 104 -29.77 -44.47 -20.66
CA LEU A 104 -30.76 -43.47 -20.28
C LEU A 104 -30.28 -42.63 -19.11
N ILE A 105 -29.69 -43.27 -18.09
CA ILE A 105 -29.15 -42.55 -16.95
C ILE A 105 -27.94 -41.72 -17.35
N ASN A 106 -27.12 -42.27 -18.25
CA ASN A 106 -25.88 -41.60 -18.64
C ASN A 106 -26.19 -40.28 -19.34
N VAL A 107 -27.19 -40.28 -20.21
CA VAL A 107 -27.56 -39.03 -20.90
C VAL A 107 -27.99 -37.98 -19.88
N PHE A 108 -28.83 -38.37 -18.92
CA PHE A 108 -29.27 -37.44 -17.89
C PHE A 108 -28.09 -36.87 -17.12
N THR A 109 -27.18 -37.73 -16.67
CA THR A 109 -26.04 -37.26 -15.89
C THR A 109 -25.18 -36.28 -16.69
N ALA A 110 -24.83 -36.66 -17.92
CA ALA A 110 -23.98 -35.81 -18.73
C ALA A 110 -24.64 -34.47 -19.02
N VAL A 111 -25.94 -34.48 -19.34
CA VAL A 111 -26.63 -33.24 -19.65
C VAL A 111 -26.65 -32.33 -18.42
N THR A 112 -26.99 -32.87 -17.25
CA THR A 112 -27.04 -32.03 -16.06
C THR A 112 -25.66 -31.46 -15.73
N PHE A 113 -24.61 -32.29 -15.86
CA PHE A 113 -23.27 -31.80 -15.59
C PHE A 113 -22.88 -30.68 -16.53
N ALA A 114 -23.23 -30.80 -17.81
CA ALA A 114 -22.92 -29.75 -18.77
C ALA A 114 -23.76 -28.49 -18.50
N ILE A 115 -25.00 -28.67 -18.06
CA ILE A 115 -25.89 -27.52 -17.88
C ILE A 115 -25.45 -26.68 -16.69
N VAL A 116 -25.13 -27.32 -15.55
CA VAL A 116 -24.94 -26.57 -14.31
C VAL A 116 -23.97 -25.40 -14.45
N PRO A 117 -22.82 -25.53 -15.13
CA PRO A 117 -21.98 -24.32 -15.29
C PRO A 117 -22.67 -23.20 -16.04
N LEU A 118 -23.51 -23.52 -17.01
CA LEU A 118 -24.20 -22.48 -17.76
C LEU A 118 -25.30 -21.81 -16.94
N LEU A 119 -25.83 -22.52 -15.94
CA LEU A 119 -26.89 -22.01 -15.08
C LEU A 119 -26.37 -21.64 -13.69
N HIS A 120 -25.10 -21.27 -13.59
CA HIS A 120 -24.48 -21.02 -12.29
C HIS A 120 -24.98 -19.74 -11.64
N ARG A 121 -25.65 -18.86 -12.39
CA ARG A 121 -25.98 -17.54 -11.90
C ARG A 121 -27.42 -17.40 -11.43
N PHE A 122 -28.11 -18.51 -11.16
CA PHE A 122 -29.47 -18.41 -10.66
C PHE A 122 -29.51 -17.68 -9.32
N GLY A 123 -28.56 -18.00 -8.42
CA GLY A 123 -28.46 -17.30 -7.16
C GLY A 123 -28.16 -18.20 -5.97
N GLY A 124 -27.24 -17.77 -5.12
CA GLY A 124 -26.97 -18.45 -3.87
C GLY A 124 -26.02 -19.63 -4.04
N LEU A 125 -25.82 -20.31 -2.91
CA LEU A 125 -24.94 -21.48 -2.84
C LEU A 125 -25.66 -22.78 -3.15
N VAL A 126 -26.93 -22.71 -3.56
CA VAL A 126 -27.70 -23.93 -3.80
C VAL A 126 -27.24 -24.62 -5.08
N ALA A 127 -26.75 -23.86 -6.05
CA ALA A 127 -26.34 -24.45 -7.33
C ALA A 127 -25.15 -25.40 -7.18
N PRO A 128 -24.03 -25.01 -6.55
CA PRO A 128 -22.93 -25.97 -6.38
C PRO A 128 -23.33 -27.19 -5.58
N LEU A 129 -24.26 -27.03 -4.62
CA LEU A 129 -24.73 -28.16 -3.86
C LEU A 129 -25.60 -29.08 -4.70
N THR A 130 -26.38 -28.50 -5.61
CA THR A 130 -27.19 -29.30 -6.53
C THR A 130 -26.30 -30.10 -7.46
N PHE A 131 -25.19 -29.50 -7.90
CA PHE A 131 -24.24 -30.27 -8.72
C PHE A 131 -23.77 -31.52 -7.99
N ILE A 132 -23.40 -31.39 -6.71
CA ILE A 132 -22.97 -32.54 -5.93
C ILE A 132 -24.11 -33.52 -5.69
N GLY A 133 -25.34 -33.05 -5.47
CA GLY A 133 -26.45 -33.96 -5.34
C GLY A 133 -26.63 -34.82 -6.59
N THR A 134 -26.56 -34.19 -7.76
CA THR A 134 -26.65 -34.93 -9.01
C THR A 134 -25.51 -35.92 -9.13
N ALA A 135 -24.29 -35.50 -8.80
CA ALA A 135 -23.15 -36.40 -8.89
C ALA A 135 -23.36 -37.64 -8.01
N TYR A 136 -23.75 -37.42 -6.75
CA TYR A 136 -23.95 -38.54 -5.84
C TYR A 136 -25.05 -39.47 -6.33
N VAL A 137 -26.18 -38.92 -6.77
CA VAL A 137 -27.28 -39.76 -7.21
C VAL A 137 -26.86 -40.59 -8.42
N ALA A 138 -26.25 -39.96 -9.43
CA ALA A 138 -25.88 -40.68 -10.63
C ALA A 138 -24.85 -41.76 -10.33
N ILE A 139 -23.83 -41.44 -9.56
CA ILE A 139 -22.78 -42.42 -9.25
C ILE A 139 -23.35 -43.58 -8.43
N PHE A 140 -24.21 -43.29 -7.45
CA PHE A 140 -24.83 -44.37 -6.69
C PHE A 140 -25.66 -45.27 -7.59
N ALA A 141 -26.45 -44.67 -8.49
CA ALA A 141 -27.30 -45.47 -9.37
C ALA A 141 -26.47 -46.36 -10.28
N ILE A 142 -25.38 -45.83 -10.85
CA ILE A 142 -24.57 -46.64 -11.73
C ILE A 142 -23.84 -47.73 -10.94
N GLY A 143 -23.36 -47.40 -9.73
CA GLY A 143 -22.64 -48.38 -8.95
C GLY A 143 -23.49 -49.54 -8.49
N TRP A 144 -24.75 -49.26 -8.15
CA TRP A 144 -25.63 -50.31 -7.65
C TRP A 144 -25.78 -51.44 -8.66
N ASP A 145 -26.02 -51.09 -9.92
CA ASP A 145 -26.27 -52.11 -10.94
C ASP A 145 -25.01 -52.93 -11.21
N VAL A 146 -23.88 -52.26 -11.44
CA VAL A 146 -22.63 -52.93 -11.78
C VAL A 146 -21.97 -53.43 -10.51
N GLY A 147 -20.94 -54.26 -10.66
CA GLY A 147 -20.25 -54.81 -9.52
C GLY A 147 -19.42 -53.76 -8.79
N THR A 148 -18.97 -54.15 -7.59
CA THR A 148 -18.19 -53.25 -6.76
C THR A 148 -16.80 -53.00 -7.34
N ASP A 149 -16.28 -53.96 -8.11
CA ASP A 149 -14.92 -53.85 -8.61
C ASP A 149 -14.77 -52.77 -9.69
N ALA A 150 -15.87 -52.20 -10.15
CA ALA A 150 -15.79 -51.18 -11.20
C ALA A 150 -15.00 -49.96 -10.74
N GLY A 151 -15.25 -49.52 -9.51
CA GLY A 151 -14.53 -48.39 -8.94
C GLY A 151 -15.38 -47.22 -8.49
N ALA A 152 -16.67 -47.43 -8.20
CA ALA A 152 -17.50 -46.35 -7.70
C ALA A 152 -17.00 -45.83 -6.36
N GLN A 153 -16.31 -46.68 -5.60
CA GLN A 153 -15.84 -46.29 -4.27
C GLN A 153 -14.79 -45.18 -4.35
N PHE A 154 -13.92 -45.25 -5.36
CA PHE A 154 -12.78 -44.33 -5.42
C PHE A 154 -13.25 -42.89 -5.65
N PHE A 155 -14.28 -42.72 -6.48
CA PHE A 155 -14.76 -41.38 -6.80
C PHE A 155 -15.29 -40.69 -5.56
N PHE A 156 -15.94 -41.44 -4.66
CA PHE A 156 -16.40 -40.85 -3.41
C PHE A 156 -15.24 -40.30 -2.61
N LEU A 157 -14.15 -41.06 -2.53
CA LEU A 157 -13.00 -40.61 -1.76
C LEU A 157 -12.39 -39.35 -2.37
N VAL A 158 -12.31 -39.29 -3.71
CA VAL A 158 -11.84 -38.05 -4.33
C VAL A 158 -12.75 -36.90 -3.96
N ALA A 159 -14.06 -37.09 -4.11
CA ALA A 159 -15.01 -36.00 -3.88
C ALA A 159 -14.98 -35.53 -2.43
N ALA A 160 -14.70 -36.43 -1.50
CA ALA A 160 -14.69 -36.06 -0.09
C ALA A 160 -13.63 -34.99 0.18
N ALA A 161 -12.44 -35.17 -0.38
CA ALA A 161 -11.40 -34.16 -0.22
C ALA A 161 -11.67 -32.95 -1.10
N LEU A 162 -12.30 -33.16 -2.26
CA LEU A 162 -12.47 -32.08 -3.23
C LEU A 162 -13.51 -31.07 -2.76
N VAL A 163 -14.58 -31.53 -2.10
CA VAL A 163 -15.69 -30.65 -1.75
C VAL A 163 -15.23 -29.55 -0.81
N VAL A 164 -14.39 -29.89 0.18
CA VAL A 164 -13.95 -28.90 1.15
C VAL A 164 -13.27 -27.74 0.44
N LEU A 165 -12.39 -28.06 -0.51
CA LEU A 165 -11.75 -27.01 -1.30
C LEU A 165 -12.79 -26.24 -2.12
N LEU A 166 -13.77 -26.94 -2.69
CA LEU A 166 -14.74 -26.28 -3.56
C LEU A 166 -15.53 -25.22 -2.81
N VAL A 167 -15.99 -25.54 -1.59
CA VAL A 167 -16.83 -24.62 -0.85
C VAL A 167 -15.97 -23.69 0.01
N GLY A 168 -16.52 -22.52 0.31
CA GLY A 168 -15.79 -21.54 1.08
C GLY A 168 -15.71 -21.90 2.55
N ILE A 169 -14.94 -21.08 3.28
CA ILE A 169 -14.75 -21.33 4.70
C ILE A 169 -16.04 -21.13 5.48
N GLU A 170 -16.87 -20.17 5.06
CA GLU A 170 -18.05 -19.82 5.83
C GLU A 170 -18.94 -21.03 6.08
N HIS A 171 -18.92 -22.01 5.17
CA HIS A 171 -19.78 -23.18 5.25
C HIS A 171 -19.00 -24.45 5.60
N THR A 172 -17.83 -24.32 6.21
CA THR A 172 -17.01 -25.50 6.49
C THR A 172 -17.81 -26.59 7.19
N ALA A 173 -18.58 -26.21 8.20
CA ALA A 173 -19.38 -27.21 8.91
C ALA A 173 -20.21 -28.02 7.93
N LEU A 174 -21.00 -27.34 7.09
CA LEU A 174 -21.76 -28.05 6.08
C LEU A 174 -20.85 -28.95 5.26
N ALA A 175 -19.73 -28.41 4.78
CA ALA A 175 -18.79 -29.21 4.01
C ALA A 175 -18.44 -30.48 4.76
N VAL A 176 -18.09 -30.36 6.05
CA VAL A 176 -17.72 -31.55 6.81
C VAL A 176 -18.84 -32.58 6.74
N GLY A 177 -20.08 -32.14 6.97
CA GLY A 177 -21.19 -33.07 6.86
C GLY A 177 -21.19 -33.81 5.53
N LEU A 178 -21.06 -33.06 4.43
CA LEU A 178 -21.01 -33.70 3.12
C LEU A 178 -19.95 -34.80 3.11
N ALA A 179 -18.75 -34.49 3.59
CA ALA A 179 -17.71 -35.51 3.64
C ALA A 179 -18.20 -36.73 4.40
N ALA A 180 -18.73 -36.53 5.61
CA ALA A 180 -19.27 -37.65 6.36
C ALA A 180 -20.27 -38.42 5.52
N VAL A 181 -21.17 -37.71 4.83
CA VAL A 181 -22.16 -38.39 4.01
C VAL A 181 -21.46 -39.33 3.03
N ALA A 182 -20.45 -38.82 2.32
CA ALA A 182 -19.73 -39.69 1.40
C ALA A 182 -19.22 -40.93 2.11
N ALA A 183 -18.57 -40.74 3.27
CA ALA A 183 -18.09 -41.89 4.02
C ALA A 183 -19.23 -42.84 4.36
N GLY A 184 -20.37 -42.29 4.79
CA GLY A 184 -21.50 -43.13 5.12
C GLY A 184 -21.92 -44.02 3.96
N LEU A 185 -21.74 -43.53 2.73
CA LEU A 185 -22.05 -44.36 1.57
C LEU A 185 -21.01 -45.44 1.35
N VAL A 186 -19.73 -45.10 1.54
CA VAL A 186 -18.66 -46.04 1.22
C VAL A 186 -18.80 -47.31 2.06
N ILE A 187 -18.98 -47.16 3.38
CA ILE A 187 -19.13 -48.33 4.22
C ILE A 187 -20.33 -49.15 3.77
N ALA A 188 -21.37 -48.49 3.26
CA ALA A 188 -22.51 -49.22 2.72
C ALA A 188 -22.19 -49.82 1.36
N LEU A 189 -21.44 -49.09 0.54
CA LEU A 189 -21.25 -49.51 -0.85
C LEU A 189 -20.61 -50.87 -0.94
N GLU A 190 -19.61 -51.14 -0.10
CA GLU A 190 -18.97 -52.45 -0.10
C GLU A 190 -19.95 -53.54 0.31
N PHE A 191 -20.81 -53.25 1.28
CA PHE A 191 -21.69 -54.28 1.84
C PHE A 191 -22.99 -54.38 1.05
N LEU A 192 -23.75 -53.29 0.97
CA LEU A 192 -25.10 -53.36 0.41
C LEU A 192 -25.06 -53.73 -1.08
N VAL A 193 -24.16 -53.12 -1.83
CA VAL A 193 -24.15 -53.34 -3.29
C VAL A 193 -23.79 -54.79 -3.57
N PRO A 194 -24.44 -55.46 -4.53
CA PRO A 194 -24.05 -56.83 -4.87
C PRO A 194 -22.65 -56.87 -5.46
N PRO A 195 -21.70 -57.54 -4.82
CA PRO A 195 -20.35 -57.62 -5.37
C PRO A 195 -20.27 -58.37 -6.68
N ASP A 196 -19.36 -57.91 -7.54
CA ASP A 196 -19.00 -58.60 -8.78
C ASP A 196 -20.22 -58.94 -9.63
N THR A 197 -21.17 -58.01 -9.74
CA THR A 197 -22.27 -58.21 -10.66
C THR A 197 -21.79 -58.01 -12.09
N GLY A 198 -22.09 -58.98 -12.95
CA GLY A 198 -21.57 -59.00 -14.31
C GLY A 198 -22.64 -58.60 -15.31
N LEU A 199 -22.42 -57.44 -15.94
CA LEU A 199 -23.28 -56.95 -17.01
C LEU A 199 -22.49 -56.99 -18.32
N GLN A 200 -22.84 -57.94 -19.18
CA GLN A 200 -22.23 -58.03 -20.49
C GLN A 200 -20.72 -58.24 -20.28
N PRO A 201 -19.79 -57.68 -21.08
CA PRO A 201 -18.40 -58.16 -20.99
C PRO A 201 -17.74 -57.75 -19.68
N PRO A 202 -17.08 -58.68 -18.99
CA PRO A 202 -16.31 -58.29 -17.79
C PRO A 202 -15.00 -57.58 -18.10
N TRP A 203 -14.34 -57.92 -19.21
CA TRP A 203 -13.05 -57.32 -19.52
C TRP A 203 -13.19 -55.80 -19.66
N ALA A 204 -14.28 -55.35 -20.28
CA ALA A 204 -14.56 -53.92 -20.32
C ALA A 204 -14.72 -53.37 -18.90
N MET A 205 -15.23 -54.19 -17.98
CA MET A 205 -15.33 -53.77 -16.59
C MET A 205 -13.96 -53.55 -15.96
N SER A 206 -13.01 -54.45 -16.23
CA SER A 206 -11.65 -54.26 -15.71
C SER A 206 -11.02 -53.00 -16.30
N VAL A 207 -11.19 -52.79 -17.61
CA VAL A 207 -10.68 -51.58 -18.23
C VAL A 207 -11.33 -50.36 -17.59
N SER A 208 -12.61 -50.46 -17.24
CA SER A 208 -13.30 -49.38 -16.56
C SER A 208 -12.66 -49.11 -15.20
N PHE A 209 -12.26 -50.15 -14.48
CA PHE A 209 -11.56 -49.94 -13.22
C PHE A 209 -10.26 -49.15 -13.43
N VAL A 210 -9.47 -49.56 -14.43
CA VAL A 210 -8.22 -48.85 -14.68
C VAL A 210 -8.48 -47.38 -14.99
N LEU A 211 -9.45 -47.13 -15.88
CA LEU A 211 -9.78 -45.76 -16.24
C LEU A 211 -10.30 -44.99 -15.04
N THR A 212 -11.05 -45.65 -14.17
CA THR A 212 -11.56 -45.00 -12.97
C THR A 212 -10.42 -44.54 -12.08
N THR A 213 -9.43 -45.40 -11.87
CA THR A 213 -8.27 -45.00 -11.06
C THR A 213 -7.58 -43.78 -11.67
N VAL A 214 -7.29 -43.85 -12.97
CA VAL A 214 -6.54 -42.76 -13.60
C VAL A 214 -7.33 -41.45 -13.53
N SER A 215 -8.62 -41.50 -13.83
CA SER A 215 -9.45 -40.30 -13.79
C SER A 215 -9.55 -39.74 -12.38
N ALA A 216 -9.72 -40.62 -11.39
CA ALA A 216 -9.83 -40.16 -10.01
C ALA A 216 -8.57 -39.41 -9.59
N CYS A 217 -7.40 -39.90 -10.01
CA CYS A 217 -6.18 -39.17 -9.72
C CYS A 217 -6.11 -37.83 -10.48
N GLY A 218 -6.38 -37.88 -11.78
CA GLY A 218 -6.14 -36.72 -12.63
C GLY A 218 -7.06 -35.55 -12.30
N VAL A 219 -8.34 -35.83 -12.05
CA VAL A 219 -9.28 -34.75 -11.75
C VAL A 219 -8.82 -33.96 -10.54
N ALA A 220 -8.49 -34.67 -9.45
CA ALA A 220 -8.04 -34.00 -8.24
C ALA A 220 -6.76 -33.22 -8.49
N VAL A 221 -5.79 -33.83 -9.19
CA VAL A 221 -4.54 -33.13 -9.44
C VAL A 221 -4.80 -31.82 -10.17
N ALA A 222 -5.57 -31.89 -11.26
CA ALA A 222 -5.80 -30.71 -12.08
C ALA A 222 -6.55 -29.63 -11.30
N THR A 223 -7.59 -30.01 -10.56
CA THR A 223 -8.37 -29.00 -9.84
C THR A 223 -7.53 -28.32 -8.77
N VAL A 224 -6.77 -29.10 -8.00
CA VAL A 224 -5.96 -28.52 -6.94
C VAL A 224 -4.92 -27.58 -7.55
N TRP A 225 -4.27 -28.01 -8.64
CA TRP A 225 -3.26 -27.17 -9.27
C TRP A 225 -3.87 -25.88 -9.78
N PHE A 226 -5.07 -25.95 -10.38
CA PHE A 226 -5.72 -24.76 -10.88
C PHE A 226 -6.04 -23.79 -9.76
N ALA A 227 -6.54 -24.29 -8.63
CA ALA A 227 -6.83 -23.41 -7.50
C ALA A 227 -5.56 -22.74 -7.00
N LEU A 228 -4.48 -23.51 -6.87
CA LEU A 228 -3.23 -22.92 -6.39
C LEU A 228 -2.70 -21.87 -7.37
N ARG A 229 -2.83 -22.13 -8.67
CA ARG A 229 -2.40 -21.17 -9.67
C ARG A 229 -3.19 -19.86 -9.54
N ASP A 230 -4.50 -19.96 -9.37
CA ASP A 230 -5.31 -18.76 -9.22
C ASP A 230 -4.89 -17.98 -7.97
N THR A 231 -4.67 -18.69 -6.86
CA THR A 231 -4.25 -18.02 -5.64
C THR A 231 -2.92 -17.30 -5.83
N ALA A 232 -1.95 -17.96 -6.48
CA ALA A 232 -0.65 -17.34 -6.69
C ALA A 232 -0.76 -16.10 -7.58
N ARG A 233 -1.58 -16.18 -8.63
CA ARG A 233 -1.78 -15.02 -9.50
C ARG A 233 -2.34 -13.84 -8.70
N ALA A 234 -3.38 -14.11 -7.90
CA ALA A 234 -3.96 -13.04 -7.09
C ALA A 234 -2.92 -12.45 -6.14
N GLU A 235 -2.12 -13.30 -5.52
CA GLU A 235 -1.09 -12.80 -4.61
C GLU A 235 -0.08 -11.93 -5.32
N ALA A 236 0.34 -12.31 -6.52
CA ALA A 236 1.33 -11.52 -7.26
C ALA A 236 0.77 -10.15 -7.60
N VAL A 237 -0.46 -10.10 -8.10
CA VAL A 237 -1.05 -8.81 -8.43
C VAL A 237 -1.17 -7.95 -7.18
N MET A 238 -1.67 -8.53 -6.09
CA MET A 238 -1.75 -7.83 -4.82
C MET A 238 -0.40 -7.23 -4.43
N GLU A 239 0.66 -8.04 -4.51
CA GLU A 239 1.97 -7.58 -4.06
C GLU A 239 2.48 -6.43 -4.91
N ALA A 240 2.34 -6.53 -6.23
CA ALA A 240 2.80 -5.43 -7.08
C ALA A 240 2.05 -4.14 -6.76
N GLU A 241 0.72 -4.24 -6.65
CA GLU A 241 -0.08 -3.05 -6.40
C GLU A 241 0.31 -2.40 -5.07
N HIS A 242 0.52 -3.21 -4.03
CA HIS A 242 0.92 -2.65 -2.75
C HIS A 242 2.33 -2.07 -2.80
N ASP A 243 3.23 -2.73 -3.53
CA ASP A 243 4.62 -2.30 -3.55
C ASP A 243 4.76 -0.93 -4.19
N ARG A 244 4.00 -0.67 -5.26
CA ARG A 244 4.10 0.66 -5.88
C ARG A 244 3.76 1.76 -4.88
N SER A 245 2.64 1.63 -4.18
CA SER A 245 2.22 2.64 -3.22
C SER A 245 3.22 2.76 -2.08
N GLU A 246 3.74 1.63 -1.61
CA GLU A 246 4.74 1.69 -0.53
C GLU A 246 5.98 2.44 -0.99
N ALA A 247 6.42 2.22 -2.23
CA ALA A 247 7.57 2.93 -2.75
C ALA A 247 7.32 4.42 -2.81
N LEU A 248 6.13 4.82 -3.29
CA LEU A 248 5.82 6.25 -3.32
C LEU A 248 5.85 6.85 -1.92
N LEU A 249 5.20 6.19 -0.96
CA LEU A 249 5.17 6.71 0.40
C LEU A 249 6.57 6.82 0.99
N ALA A 250 7.41 5.81 0.76
CA ALA A 250 8.78 5.87 1.23
C ALA A 250 9.53 7.03 0.60
N ASN A 251 9.28 7.28 -0.68
CA ASN A 251 9.93 8.41 -1.35
C ASN A 251 9.56 9.73 -0.69
N MET A 252 8.27 9.90 -0.36
CA MET A 252 7.80 11.24 -0.06
C MET A 252 7.78 11.54 1.44
N LEU A 253 8.21 10.59 2.27
CA LEU A 253 8.52 10.85 3.67
C LEU A 253 9.59 9.89 4.18
N PRO A 254 10.35 10.29 5.20
CA PRO A 254 11.28 9.36 5.83
C PRO A 254 10.56 8.15 6.40
N ALA A 255 11.27 7.01 6.43
CA ALA A 255 10.66 5.76 6.87
C ALA A 255 10.27 5.79 8.33
N SER A 256 11.14 6.33 9.20
CA SER A 256 10.91 6.23 10.63
C SER A 256 9.61 6.92 11.03
N ILE A 257 9.35 8.10 10.49
CA ILE A 257 8.14 8.83 10.87
C ILE A 257 6.91 8.25 10.20
N ALA A 258 7.08 7.53 9.09
CA ALA A 258 5.94 6.94 8.40
C ALA A 258 5.22 5.95 9.30
N GLU A 259 5.97 5.14 10.05
CA GLU A 259 5.36 4.19 10.96
C GLU A 259 4.52 4.91 12.01
N ARG A 260 5.04 6.01 12.56
CA ARG A 260 4.27 6.79 13.51
C ARG A 260 2.99 7.32 12.89
N LEU A 261 3.08 7.82 11.66
CA LEU A 261 1.89 8.35 10.98
C LEU A 261 0.85 7.27 10.75
N LYS A 262 1.30 6.04 10.46
CA LYS A 262 0.35 4.98 10.11
C LYS A 262 -0.51 4.58 11.31
N GLU A 263 0.04 4.67 12.52
CA GLU A 263 -0.66 4.16 13.69
C GLU A 263 -1.97 4.91 13.89
N PRO A 264 -3.07 4.22 14.21
CA PRO A 264 -4.33 4.95 14.46
C PRO A 264 -4.23 5.98 15.56
N GLU A 265 -3.50 5.69 16.63
CA GLU A 265 -3.37 6.65 17.72
C GLU A 265 -2.65 7.90 17.25
N ARG A 266 -3.19 9.05 17.62
CA ARG A 266 -2.67 10.34 17.17
C ARG A 266 -1.91 11.00 18.32
N ASN A 267 -0.63 11.27 18.08
CA ASN A 267 0.21 11.97 19.04
C ASN A 267 1.01 13.04 18.31
N ILE A 268 1.17 14.19 18.95
CA ILE A 268 1.91 15.29 18.35
C ILE A 268 3.37 14.89 18.27
N ILE A 269 3.96 15.02 17.08
CA ILE A 269 5.33 14.61 16.82
C ILE A 269 6.22 15.84 16.97
N ALA A 270 7.05 15.85 18.00
CA ALA A 270 8.02 16.91 18.24
C ALA A 270 9.36 16.27 18.58
N ASP A 271 10.39 16.64 17.83
CA ASP A 271 11.74 16.13 18.03
C ASP A 271 12.70 17.30 18.14
N LYS A 272 13.49 17.28 19.22
CA LYS A 272 14.43 18.35 19.55
C LYS A 272 15.81 17.91 19.07
N TYR A 273 16.50 18.78 18.33
CA TYR A 273 17.83 18.48 17.82
C TYR A 273 18.78 19.60 18.22
N ASP A 274 19.87 19.22 18.88
CA ASP A 274 20.78 20.20 19.46
C ASP A 274 21.46 21.05 18.39
N GLU A 275 21.94 20.42 17.32
CA GLU A 275 22.62 21.13 16.25
C GLU A 275 22.08 20.69 14.90
N ALA A 276 22.00 21.66 13.98
CA ALA A 276 21.61 21.41 12.61
C ALA A 276 22.01 22.61 11.79
N SER A 277 21.95 22.46 10.47
CA SER A 277 22.28 23.55 9.56
C SER A 277 21.26 23.58 8.44
N VAL A 278 20.89 24.79 8.01
CA VAL A 278 19.86 25.00 7.01
C VAL A 278 20.42 25.91 5.93
N LEU A 279 20.07 25.62 4.68
CA LEU A 279 20.48 26.39 3.52
C LEU A 279 19.24 26.79 2.75
N PHE A 280 19.15 28.08 2.40
CA PHE A 280 18.07 28.61 1.60
C PHE A 280 18.62 29.17 0.29
N ALA A 281 18.01 28.81 -0.82
CA ALA A 281 18.37 29.31 -2.13
C ALA A 281 17.15 29.91 -2.81
N ASP A 282 17.32 31.03 -3.49
CA ASP A 282 16.22 31.69 -4.17
C ASP A 282 16.67 32.29 -5.50
N ILE A 283 15.69 32.48 -6.38
CA ILE A 283 15.93 33.04 -7.71
C ILE A 283 15.75 34.55 -7.65
N VAL A 284 16.43 35.26 -8.55
CA VAL A 284 16.37 36.72 -8.62
C VAL A 284 15.66 37.11 -9.90
N GLY A 285 14.77 38.09 -9.79
CA GLY A 285 14.05 38.59 -10.96
C GLY A 285 13.20 37.53 -11.64
N PHE A 286 12.60 36.64 -10.87
CA PHE A 286 11.77 35.60 -11.44
C PHE A 286 10.52 36.18 -12.08
N THR A 287 9.96 37.23 -11.47
CA THR A 287 8.76 37.85 -12.03
C THR A 287 9.03 38.44 -13.42
N GLU A 288 10.17 39.09 -13.59
CA GLU A 288 10.51 39.67 -14.88
C GLU A 288 10.61 38.57 -15.94
N ARG A 289 11.24 37.45 -15.59
CA ARG A 289 11.29 36.31 -16.52
C ARG A 289 9.89 35.78 -16.81
N ALA A 290 9.03 35.76 -15.80
CA ALA A 290 7.67 35.26 -16.00
C ALA A 290 6.89 36.14 -16.95
N SER A 291 7.13 37.45 -16.91
CA SER A 291 6.35 38.36 -17.74
C SER A 291 6.49 38.04 -19.22
N SER A 292 7.67 37.60 -19.64
CA SER A 292 7.96 37.38 -21.05
C SER A 292 7.84 35.92 -21.48
N THR A 293 7.34 35.03 -20.62
CA THR A 293 7.26 33.61 -20.93
C THR A 293 5.88 33.08 -20.57
N ALA A 294 5.47 32.05 -21.30
CA ALA A 294 4.18 31.42 -21.03
C ALA A 294 4.23 30.67 -19.70
N PRO A 295 3.16 30.69 -18.90
CA PRO A 295 3.21 29.99 -17.61
C PRO A 295 3.57 28.52 -17.72
N ALA A 296 3.04 27.83 -18.73
CA ALA A 296 3.27 26.39 -18.84
C ALA A 296 4.75 26.09 -19.04
N ASP A 297 5.42 26.86 -19.88
CA ASP A 297 6.85 26.68 -20.09
C ASP A 297 7.62 27.01 -18.82
N LEU A 298 7.15 28.02 -18.07
CA LEU A 298 7.83 28.41 -16.84
C LEU A 298 7.80 27.29 -15.81
N VAL A 299 6.66 26.62 -15.66
CA VAL A 299 6.57 25.51 -14.73
C VAL A 299 7.53 24.40 -15.15
N ARG A 300 7.62 24.14 -16.46
CA ARG A 300 8.55 23.12 -16.94
C ARG A 300 9.99 23.48 -16.61
N PHE A 301 10.36 24.75 -16.78
CA PHE A 301 11.69 25.20 -16.42
C PHE A 301 11.98 24.98 -14.94
N LEU A 302 11.01 25.34 -14.10
CA LEU A 302 11.18 25.12 -12.66
C LEU A 302 11.38 23.63 -12.36
N ASP A 303 10.59 22.78 -13.00
CA ASP A 303 10.70 21.34 -12.77
C ASP A 303 12.08 20.83 -13.16
N ARG A 304 12.60 21.26 -14.31
CA ARG A 304 13.93 20.84 -14.74
C ARG A 304 14.98 21.27 -13.71
N LEU A 305 14.94 22.54 -13.31
CA LEU A 305 15.93 23.04 -12.35
C LEU A 305 15.89 22.25 -11.05
N TYR A 306 14.68 22.03 -10.52
CA TYR A 306 14.57 21.36 -9.23
C TYR A 306 14.91 19.88 -9.34
N SER A 307 14.68 19.27 -10.51
CA SER A 307 15.11 17.88 -10.68
C SER A 307 16.63 17.77 -10.62
N ALA A 308 17.33 18.68 -11.30
CA ALA A 308 18.79 18.67 -11.20
C ALA A 308 19.25 18.88 -9.76
N PHE A 309 18.66 19.85 -9.07
CA PHE A 309 19.06 20.12 -7.69
C PHE A 309 18.77 18.93 -6.79
N ASP A 310 17.65 18.23 -7.03
CA ASP A 310 17.30 17.08 -6.23
C ASP A 310 18.29 15.95 -6.44
N GLU A 311 18.71 15.73 -7.69
CA GLU A 311 19.74 14.73 -7.94
C GLU A 311 21.01 15.06 -7.17
N LEU A 312 21.45 16.32 -7.23
CA LEU A 312 22.66 16.69 -6.50
C LEU A 312 22.48 16.49 -5.00
N VAL A 313 21.32 16.84 -4.46
CA VAL A 313 21.08 16.69 -3.03
C VAL A 313 21.15 15.23 -2.62
N ASP A 314 20.40 14.37 -3.32
CA ASP A 314 20.45 12.94 -3.02
C ASP A 314 21.88 12.43 -3.13
N GLN A 315 22.65 13.00 -4.05
CA GLN A 315 23.98 12.47 -4.34
C GLN A 315 24.98 12.91 -3.27
N HIS A 316 24.71 14.03 -2.61
CA HIS A 316 25.47 14.41 -1.42
C HIS A 316 24.97 13.74 -0.15
N GLY A 317 23.72 13.25 -0.13
CA GLY A 317 23.16 12.61 1.03
C GLY A 317 22.32 13.50 1.93
N LEU A 318 22.32 14.81 1.71
CA LEU A 318 21.51 15.71 2.52
C LEU A 318 20.03 15.51 2.20
N GLU A 319 19.18 16.10 3.05
CA GLU A 319 17.74 16.00 2.92
C GLU A 319 17.14 17.35 2.59
N LYS A 320 16.11 17.34 1.74
CA LYS A 320 15.37 18.54 1.36
C LYS A 320 13.95 18.39 1.89
N ILE A 321 13.47 19.41 2.59
CA ILE A 321 12.17 19.33 3.24
C ILE A 321 11.05 19.67 2.25
N LYS A 322 11.20 20.77 1.53
CA LYS A 322 10.13 21.23 0.65
C LYS A 322 10.71 22.15 -0.41
N VAL A 323 9.88 22.48 -1.39
CA VAL A 323 10.23 23.36 -2.49
C VAL A 323 9.03 24.26 -2.75
N SER A 324 9.11 25.50 -2.27
CA SER A 324 8.02 26.47 -2.39
C SER A 324 8.39 27.48 -3.46
N GLY A 325 7.76 27.38 -4.63
CA GLY A 325 8.01 28.31 -5.70
C GLY A 325 9.48 28.40 -6.05
N ASP A 326 10.03 29.61 -5.99
CA ASP A 326 11.44 29.81 -6.30
C ASP A 326 12.34 29.28 -5.19
N SER A 327 11.85 29.26 -3.96
CA SER A 327 12.70 28.92 -2.83
C SER A 327 13.02 27.44 -2.79
N TYR A 328 14.26 27.14 -2.44
CA TYR A 328 14.74 25.77 -2.24
C TYR A 328 15.39 25.68 -0.87
N MET A 329 14.94 24.70 -0.08
CA MET A 329 15.35 24.56 1.31
C MET A 329 16.06 23.23 1.49
N VAL A 330 17.21 23.25 2.14
CA VAL A 330 17.96 22.03 2.46
C VAL A 330 18.31 22.06 3.94
N VAL A 331 18.27 20.90 4.59
CA VAL A 331 18.55 20.76 6.00
C VAL A 331 19.51 19.59 6.19
N SER A 332 20.49 19.77 7.07
CA SER A 332 21.55 18.79 7.27
C SER A 332 21.52 18.27 8.70
N GLY A 333 21.57 16.94 8.85
CA GLY A 333 21.80 16.31 10.12
C GLY A 333 20.57 16.10 10.99
N VAL A 334 19.39 16.55 10.56
CA VAL A 334 18.20 16.37 11.37
C VAL A 334 17.87 14.90 11.58
N PRO A 335 17.72 14.07 10.54
CA PRO A 335 17.39 12.66 10.79
C PRO A 335 18.47 11.93 11.57
N ARG A 336 19.74 12.26 11.32
CA ARG A 336 20.85 11.63 12.04
C ARG A 336 21.92 12.69 12.28
N PRO A 337 22.28 12.96 13.54
CA PRO A 337 23.34 13.95 13.79
C PRO A 337 24.70 13.46 13.32
N ARG A 338 25.54 14.42 12.93
CA ARG A 338 26.89 14.13 12.50
C ARG A 338 27.80 15.26 12.95
N PRO A 339 29.09 14.97 13.17
CA PRO A 339 30.00 16.03 13.64
C PRO A 339 30.32 17.07 12.58
N ASP A 340 30.28 16.71 11.31
CA ASP A 340 30.71 17.59 10.21
C ASP A 340 29.56 18.00 9.31
N HIS A 341 28.40 18.30 9.88
CA HIS A 341 27.25 18.69 9.06
C HIS A 341 27.53 19.99 8.30
N THR A 342 28.11 20.99 8.98
CA THR A 342 28.27 22.30 8.38
C THR A 342 29.23 22.26 7.20
N GLN A 343 30.32 21.49 7.32
CA GLN A 343 31.27 21.37 6.21
C GLN A 343 30.59 20.76 4.98
N ALA A 344 29.81 19.71 5.20
CA ALA A 344 29.09 19.08 4.09
C ALA A 344 28.11 20.06 3.45
N LEU A 345 27.40 20.83 4.27
CA LEU A 345 26.46 21.80 3.72
C LEU A 345 27.18 22.85 2.89
N ALA A 346 28.34 23.33 3.36
CA ALA A 346 29.09 24.32 2.61
C ALA A 346 29.55 23.77 1.27
N ASP A 347 30.09 22.55 1.26
CA ASP A 347 30.52 21.94 0.01
C ASP A 347 29.35 21.77 -0.94
N PHE A 348 28.20 21.33 -0.42
CA PHE A 348 27.02 21.18 -1.24
C PHE A 348 26.59 22.51 -1.83
N ALA A 349 26.67 23.58 -1.03
CA ALA A 349 26.29 24.90 -1.53
C ALA A 349 27.20 25.34 -2.67
N LEU A 350 28.50 25.10 -2.54
CA LEU A 350 29.42 25.45 -3.61
C LEU A 350 29.07 24.69 -4.89
N ASP A 351 28.85 23.38 -4.77
CA ASP A 351 28.50 22.59 -5.94
C ASP A 351 27.19 23.08 -6.55
N MET A 352 26.22 23.44 -5.70
CA MET A 352 24.94 23.93 -6.20
C MET A 352 25.11 25.23 -6.97
N THR A 353 25.93 26.14 -6.46
CA THR A 353 26.17 27.38 -7.19
C THR A 353 26.78 27.10 -8.55
N ASN A 354 27.77 26.21 -8.61
CA ASN A 354 28.38 25.89 -9.90
C ASN A 354 27.34 25.31 -10.87
N VAL A 355 26.54 24.35 -10.40
CA VAL A 355 25.55 23.71 -11.27
C VAL A 355 24.54 24.74 -11.76
N ALA A 356 24.06 25.60 -10.86
CA ALA A 356 23.08 26.61 -11.25
C ALA A 356 23.67 27.56 -12.28
N ALA A 357 24.94 27.94 -12.09
CA ALA A 357 25.58 28.82 -13.07
C ALA A 357 25.64 28.16 -14.44
N GLN A 358 25.98 26.87 -14.49
CA GLN A 358 26.11 26.21 -15.78
C GLN A 358 24.78 26.14 -16.52
N LEU A 359 23.69 25.85 -15.80
CA LEU A 359 22.41 25.60 -16.45
C LEU A 359 21.90 26.85 -17.15
N LYS A 360 21.04 26.64 -18.15
CA LYS A 360 20.53 27.71 -19.01
C LYS A 360 19.01 27.69 -19.00
N ASP A 361 18.40 28.87 -18.99
CA ASP A 361 16.95 29.02 -18.98
C ASP A 361 16.44 29.22 -20.41
N PRO A 362 15.12 29.17 -20.61
CA PRO A 362 14.60 29.37 -21.98
C PRO A 362 14.98 30.71 -22.58
N ARG A 363 15.00 31.77 -21.77
CA ARG A 363 15.38 33.09 -22.27
C ARG A 363 16.82 33.10 -22.75
N GLY A 364 17.67 32.26 -22.17
CA GLY A 364 19.08 32.25 -22.46
C GLY A 364 19.92 33.06 -21.49
N ASN A 365 19.30 33.92 -20.70
CA ASN A 365 20.04 34.63 -19.66
C ASN A 365 20.43 33.67 -18.56
N PRO A 366 21.57 33.87 -17.90
CA PRO A 366 21.91 33.04 -16.75
C PRO A 366 20.92 33.26 -15.62
N VAL A 367 20.73 32.22 -14.82
CA VAL A 367 19.84 32.28 -13.66
C VAL A 367 20.70 32.43 -12.42
N PRO A 368 20.76 33.62 -11.80
CA PRO A 368 21.51 33.75 -10.55
C PRO A 368 20.70 33.23 -9.37
N LEU A 369 21.40 32.82 -8.32
CA LEU A 369 20.77 32.30 -7.12
C LEU A 369 21.40 32.95 -5.91
N ARG A 370 20.55 33.37 -4.97
CA ARG A 370 21.00 33.90 -3.69
C ARG A 370 20.92 32.78 -2.66
N VAL A 371 22.01 32.56 -1.93
CA VAL A 371 22.14 31.44 -1.01
C VAL A 371 22.56 31.96 0.37
N GLY A 372 21.80 31.59 1.37
CA GLY A 372 22.13 31.92 2.75
C GLY A 372 22.14 30.68 3.62
N LEU A 373 23.15 30.58 4.48
CA LEU A 373 23.28 29.43 5.35
C LEU A 373 23.18 29.85 6.81
N ALA A 374 22.63 28.97 7.64
CA ALA A 374 22.52 29.21 9.08
C ALA A 374 22.67 27.89 9.82
N THR A 375 22.93 27.97 11.11
CA THR A 375 23.10 26.79 11.95
C THR A 375 22.54 27.06 13.35
N GLY A 376 22.19 25.97 14.03
CA GLY A 376 21.66 26.05 15.38
C GLY A 376 20.74 24.89 15.70
N PRO A 377 20.19 24.88 16.92
CA PRO A 377 19.23 23.83 17.28
C PRO A 377 17.93 23.98 16.51
N VAL A 378 17.23 22.87 16.31
CA VAL A 378 16.00 22.87 15.53
C VAL A 378 14.98 21.91 16.14
N VAL A 379 13.74 22.09 15.70
CA VAL A 379 12.62 21.23 16.08
C VAL A 379 12.02 20.65 14.81
N ALA A 380 11.75 19.36 14.81
CA ALA A 380 11.22 18.66 13.64
C ALA A 380 9.95 17.92 14.01
N GLY A 381 9.10 17.72 13.02
CA GLY A 381 7.85 17.00 13.20
C GLY A 381 6.76 17.59 12.33
N VAL A 382 5.71 16.81 12.13
CA VAL A 382 4.57 17.23 11.32
C VAL A 382 3.68 18.15 12.14
N VAL A 383 2.77 18.85 11.46
CA VAL A 383 1.83 19.76 12.09
C VAL A 383 0.53 19.72 11.31
N GLY A 384 -0.58 19.91 12.02
CA GLY A 384 -1.89 19.84 11.43
C GLY A 384 -2.51 18.45 11.52
N SER A 385 -3.73 18.35 11.02
CA SER A 385 -4.43 17.06 10.94
C SER A 385 -4.66 16.61 9.50
N ARG A 386 -4.13 17.34 8.52
CA ARG A 386 -4.33 17.00 7.12
C ARG A 386 -3.16 17.54 6.32
N ARG A 387 -2.82 16.84 5.24
CA ARG A 387 -1.76 17.26 4.34
C ARG A 387 -0.44 17.41 5.08
N PHE A 388 0.05 16.29 5.62
CA PHE A 388 1.24 16.30 6.44
C PHE A 388 2.50 16.40 5.59
N PHE A 389 3.55 17.00 6.17
CA PHE A 389 4.89 16.94 5.61
C PHE A 389 5.89 17.32 6.69
N TYR A 390 7.13 16.86 6.51
CA TYR A 390 8.04 16.68 7.65
C TYR A 390 8.27 17.97 8.42
N ASP A 391 8.61 19.05 7.73
CA ASP A 391 8.82 20.36 8.35
C ASP A 391 10.06 20.42 9.24
N VAL A 392 10.41 21.64 9.65
CA VAL A 392 11.50 21.89 10.59
C VAL A 392 11.25 23.27 11.17
N TRP A 393 11.79 23.52 12.35
CA TRP A 393 11.59 24.81 13.02
C TRP A 393 12.80 25.14 13.87
N GLY A 394 12.96 26.42 14.15
CA GLY A 394 14.02 26.89 15.02
C GLY A 394 14.46 28.30 14.64
N ASP A 395 15.36 28.83 15.47
CA ASP A 395 15.90 30.16 15.20
C ASP A 395 16.77 30.14 13.94
N ALA A 396 17.43 29.02 13.68
CA ALA A 396 18.29 28.92 12.50
C ALA A 396 17.51 29.21 11.23
N VAL A 397 16.23 28.82 11.19
CA VAL A 397 15.41 29.09 10.01
C VAL A 397 15.22 30.59 9.81
N ASN A 398 14.91 31.31 10.88
CA ASN A 398 14.79 32.77 10.78
C ASN A 398 16.10 33.38 10.31
N VAL A 399 17.22 32.95 10.90
CA VAL A 399 18.52 33.47 10.49
C VAL A 399 18.73 33.23 9.00
N ALA A 400 18.51 31.99 8.54
CA ALA A 400 18.76 31.66 7.15
C ALA A 400 17.87 32.47 6.22
N SER A 401 16.60 32.65 6.59
CA SER A 401 15.71 33.45 5.76
C SER A 401 16.22 34.88 5.63
N ARG A 402 16.62 35.49 6.76
CA ARG A 402 17.13 36.86 6.70
C ARG A 402 18.38 36.94 5.83
N MET A 403 19.34 36.03 6.05
CA MET A 403 20.56 36.04 5.25
C MET A 403 20.24 35.90 3.76
N GLU A 404 19.44 34.91 3.39
CA GLU A 404 19.11 34.72 2.00
C GLU A 404 18.44 35.95 1.42
N SER A 405 17.57 36.60 2.19
CA SER A 405 16.90 37.79 1.69
C SER A 405 17.89 38.91 1.42
N THR A 406 18.89 39.07 2.29
CA THR A 406 19.87 40.15 2.12
C THR A 406 21.09 39.75 1.32
N ASP A 407 21.13 38.54 0.77
CA ASP A 407 22.31 38.10 0.04
C ASP A 407 22.39 38.77 -1.33
N SER A 408 23.61 39.03 -1.78
CA SER A 408 23.84 39.60 -3.09
C SER A 408 23.69 38.53 -4.17
N VAL A 409 23.55 38.99 -5.41
CA VAL A 409 23.36 38.07 -6.53
C VAL A 409 24.61 37.23 -6.74
N GLY A 410 24.43 35.92 -6.92
CA GLY A 410 25.54 35.03 -7.18
C GLY A 410 26.55 34.96 -6.06
N GLN A 411 26.09 34.88 -4.82
CA GLN A 411 26.98 34.84 -3.67
C GLN A 411 26.33 34.02 -2.56
N ILE A 412 27.15 33.53 -1.64
CA ILE A 412 26.72 32.75 -0.50
C ILE A 412 27.10 33.51 0.76
N GLN A 413 26.13 33.70 1.66
CA GLN A 413 26.38 34.47 2.88
C GLN A 413 26.07 33.65 4.12
N VAL A 414 26.87 33.88 5.16
CA VAL A 414 26.80 33.17 6.44
C VAL A 414 27.10 34.15 7.58
N PRO A 415 26.64 33.86 8.79
CA PRO A 415 26.87 34.76 9.92
C PRO A 415 28.25 34.55 10.55
N ASP A 416 28.48 35.30 11.63
CA ASP A 416 29.73 35.18 12.37
C ASP A 416 29.87 33.81 13.02
N GLU A 417 28.76 33.28 13.54
CA GLU A 417 28.82 31.98 14.23
C GLU A 417 29.25 30.88 13.28
N VAL A 418 28.68 30.85 12.08
CA VAL A 418 29.10 29.87 11.09
C VAL A 418 30.54 30.12 10.66
N TYR A 419 30.92 31.39 10.58
CA TYR A 419 32.31 31.74 10.27
C TYR A 419 33.26 31.16 11.31
N GLU A 420 32.81 31.07 12.56
CA GLU A 420 33.66 30.49 13.60
C GLU A 420 33.99 29.03 13.30
N ARG A 421 33.05 28.31 12.68
CA ARG A 421 33.25 26.89 12.43
C ARG A 421 33.96 26.65 11.11
N LEU A 422 33.57 27.37 10.06
CA LEU A 422 33.99 27.02 8.71
C LEU A 422 35.33 27.62 8.31
N LYS A 423 35.91 28.53 9.09
CA LYS A 423 37.16 29.16 8.66
C LYS A 423 38.26 28.13 8.55
N ASP A 424 38.25 27.11 9.41
CA ASP A 424 39.36 26.17 9.47
C ASP A 424 39.52 25.40 8.16
N ASP A 425 38.42 24.98 7.55
CA ASP A 425 38.45 24.13 6.38
C ASP A 425 37.89 24.79 5.12
N PHE A 426 37.43 26.04 5.21
CA PHE A 426 36.84 26.73 4.07
C PHE A 426 37.32 28.17 4.06
N VAL A 427 37.10 28.84 2.93
CA VAL A 427 37.54 30.21 2.72
C VAL A 427 36.31 31.11 2.81
N LEU A 428 36.31 32.00 3.80
CA LEU A 428 35.29 33.02 3.95
C LEU A 428 35.96 34.39 4.00
N ARG A 429 35.44 35.33 3.22
CA ARG A 429 36.07 36.64 3.06
C ARG A 429 35.02 37.73 2.90
N GLU A 430 35.49 38.97 3.06
CA GLU A 430 34.76 40.21 2.81
C GLU A 430 33.46 40.33 3.61
N ARG A 431 32.89 41.52 3.60
CA ARG A 431 31.76 41.90 4.46
C ARG A 431 31.70 41.07 5.74
N MET A 442 23.46 41.97 12.15
CA MET A 442 24.65 41.26 12.60
C MET A 442 25.69 41.20 11.48
N ARG A 443 26.95 40.98 11.86
CA ARG A 443 28.02 40.93 10.88
C ARG A 443 28.07 39.56 10.22
N THR A 444 28.33 39.56 8.92
CA THR A 444 28.36 38.35 8.11
C THR A 444 29.72 38.24 7.43
N TRP A 445 29.91 37.14 6.69
CA TRP A 445 31.18 36.88 6.02
C TRP A 445 30.90 36.03 4.79
N TYR A 446 31.17 36.56 3.60
CA TYR A 446 30.85 35.81 2.38
C TYR A 446 31.63 34.50 2.36
N LEU A 447 31.03 33.47 1.76
CA LEU A 447 31.66 32.15 1.67
C LEU A 447 32.19 31.99 0.25
N ILE A 448 33.49 32.17 0.07
CA ILE A 448 34.06 32.17 -1.28
C ILE A 448 34.22 30.74 -1.80
N GLY A 449 34.82 29.87 -1.00
CA GLY A 449 35.02 28.50 -1.44
C GLY A 449 35.90 27.73 -0.48
N ARG A 450 36.32 26.56 -0.93
CA ARG A 450 37.14 25.66 -0.14
C ARG A 450 38.63 25.98 -0.33
N LYS A 451 39.43 25.56 0.64
CA LYS A 451 40.88 25.74 0.56
C LYS A 451 41.46 24.86 -0.54
N VAL A 452 42.31 25.46 -1.38
CA VAL A 452 42.95 24.69 -2.44
C VAL A 452 43.94 23.69 -1.84
N ALA A 453 44.71 24.12 -0.84
CA ALA A 453 45.72 23.25 -0.26
C ALA A 453 45.07 22.08 0.48
N ALA A 454 45.79 20.96 0.50
CA ALA A 454 45.31 19.76 1.19
C ALA A 454 46.46 19.08 1.92
N VAL B 67 8.93 -15.51 2.59
CA VAL B 67 9.08 -16.90 2.96
C VAL B 67 7.77 -17.45 3.52
N ALA B 68 6.68 -16.72 3.27
CA ALA B 68 5.37 -17.13 3.78
C ALA B 68 4.92 -18.44 3.14
N ARG B 69 5.17 -18.61 1.84
CA ARG B 69 4.77 -19.85 1.16
C ARG B 69 5.49 -21.05 1.76
N ARG B 70 6.80 -20.91 2.04
CA ARG B 70 7.54 -22.00 2.65
C ARG B 70 6.97 -22.35 4.01
N GLN B 71 6.62 -21.33 4.81
CA GLN B 71 6.04 -21.58 6.12
C GLN B 71 4.68 -22.28 6.00
N ARG B 72 3.87 -21.88 5.01
CA ARG B 72 2.59 -22.56 4.81
C ARG B 72 2.81 -24.04 4.51
N VAL B 73 3.73 -24.34 3.59
CA VAL B 73 4.00 -25.73 3.24
C VAL B 73 4.46 -26.50 4.47
N LEU B 74 5.39 -25.92 5.23
CA LEU B 74 5.94 -26.62 6.39
C LEU B 74 4.87 -26.84 7.45
N THR B 75 4.02 -25.86 7.68
CA THR B 75 2.96 -26.01 8.67
C THR B 75 2.00 -27.12 8.28
N ILE B 76 1.57 -27.14 7.02
CA ILE B 76 0.61 -28.17 6.61
C ILE B 76 1.24 -29.55 6.69
N THR B 77 2.51 -29.68 6.27
CA THR B 77 3.13 -31.01 6.34
C THR B 77 3.31 -31.46 7.79
N ALA B 78 3.65 -30.53 8.69
CA ALA B 78 3.79 -30.92 10.10
C ALA B 78 2.47 -31.39 10.68
N TRP B 79 1.40 -30.63 10.43
CA TRP B 79 0.10 -31.04 10.96
C TRP B 79 -0.35 -32.36 10.34
N LEU B 80 -0.04 -32.56 9.06
CA LEU B 80 -0.36 -33.82 8.39
C LEU B 80 0.36 -34.98 9.08
N ALA B 81 1.65 -34.81 9.38
CA ALA B 81 2.39 -35.87 10.06
C ALA B 81 1.78 -36.16 11.42
N VAL B 82 1.42 -35.12 12.17
CA VAL B 82 0.84 -35.34 13.49
C VAL B 82 -0.45 -36.12 13.38
N VAL B 83 -1.32 -35.74 12.45
CA VAL B 83 -2.63 -36.40 12.36
C VAL B 83 -2.47 -37.85 11.90
N VAL B 84 -1.55 -38.11 10.97
CA VAL B 84 -1.39 -39.48 10.50
C VAL B 84 -0.83 -40.37 11.60
N THR B 85 0.11 -39.85 12.40
CA THR B 85 0.59 -40.62 13.55
C THR B 85 -0.54 -40.89 14.53
N GLY B 86 -1.36 -39.88 14.80
CA GLY B 86 -2.50 -40.09 15.70
C GLY B 86 -3.43 -41.17 15.19
N SER B 87 -3.69 -41.17 13.88
CA SER B 87 -4.56 -42.21 13.30
C SER B 87 -3.91 -43.59 13.43
N PHE B 88 -2.62 -43.68 13.13
CA PHE B 88 -1.95 -44.99 13.14
C PHE B 88 -1.90 -45.58 14.54
N ALA B 89 -1.73 -44.73 15.56
CA ALA B 89 -1.66 -45.24 16.92
C ALA B 89 -2.94 -45.98 17.32
N LEU B 90 -4.10 -45.46 16.88
CA LEU B 90 -5.36 -46.11 17.21
C LEU B 90 -5.45 -47.49 16.58
N MET B 91 -5.04 -47.61 15.32
CA MET B 91 -5.04 -48.93 14.68
C MET B 91 -4.13 -49.89 15.42
N GLN B 92 -2.95 -49.42 15.82
CA GLN B 92 -2.02 -50.29 16.53
C GLN B 92 -2.60 -50.75 17.86
N LEU B 93 -3.19 -49.82 18.62
CA LEU B 93 -3.72 -50.20 19.92
C LEU B 93 -4.91 -51.15 19.78
N ALA B 94 -5.77 -50.89 18.80
CA ALA B 94 -6.98 -51.72 18.66
C ALA B 94 -6.63 -53.15 18.27
N THR B 95 -5.59 -53.34 17.47
CA THR B 95 -5.27 -54.66 16.95
C THR B 95 -5.06 -55.66 18.08
N GLY B 96 -5.66 -56.84 17.94
CA GLY B 96 -5.50 -57.91 18.91
C GLY B 96 -5.19 -59.23 18.25
N ALA B 97 -4.17 -59.92 18.76
CA ALA B 97 -3.74 -61.21 18.20
C ALA B 97 -3.42 -61.10 16.72
N GLY B 98 -2.85 -59.97 16.30
CA GLY B 98 -2.53 -59.79 14.90
C GLY B 98 -1.18 -60.39 14.52
N GLY B 99 -0.24 -60.43 15.45
CA GLY B 99 1.08 -60.95 15.21
C GLY B 99 2.16 -59.90 15.44
N TRP B 100 3.40 -60.39 15.52
CA TRP B 100 4.55 -59.53 15.79
C TRP B 100 5.28 -59.10 14.53
N TYR B 101 5.18 -59.88 13.45
CA TYR B 101 5.84 -59.51 12.21
C TYR B 101 5.34 -58.17 11.70
N ILE B 102 4.03 -57.94 11.79
CA ILE B 102 3.46 -56.65 11.42
C ILE B 102 3.86 -55.58 12.42
N ALA B 103 3.99 -55.96 13.70
CA ALA B 103 4.35 -54.98 14.73
C ALA B 103 5.73 -54.39 14.47
N LEU B 104 6.67 -55.21 14.00
CA LEU B 104 8.01 -54.71 13.73
C LEU B 104 7.98 -53.61 12.67
N ILE B 105 7.20 -53.80 11.61
CA ILE B 105 7.07 -52.77 10.58
C ILE B 105 6.33 -51.56 11.12
N ASN B 106 5.32 -51.80 11.96
CA ASN B 106 4.50 -50.71 12.47
C ASN B 106 5.33 -49.76 13.31
N VAL B 107 6.20 -50.30 14.16
CA VAL B 107 7.07 -49.45 14.98
C VAL B 107 7.94 -48.57 14.10
N PHE B 108 8.55 -49.16 13.08
CA PHE B 108 9.39 -48.40 12.15
C PHE B 108 8.60 -47.27 11.50
N THR B 109 7.42 -47.58 10.97
CA THR B 109 6.62 -46.56 10.29
C THR B 109 6.25 -45.43 11.23
N ALA B 110 5.73 -45.77 12.42
CA ALA B 110 5.32 -44.74 13.36
C ALA B 110 6.50 -43.86 13.78
N VAL B 111 7.64 -44.49 14.07
CA VAL B 111 8.80 -43.72 14.50
C VAL B 111 9.25 -42.77 13.41
N THR B 112 9.35 -43.24 12.17
CA THR B 112 9.80 -42.37 11.09
C THR B 112 8.82 -41.22 10.88
N PHE B 113 7.51 -41.51 10.93
CA PHE B 113 6.52 -40.46 10.76
C PHE B 113 6.65 -39.41 11.84
N ALA B 114 6.87 -39.83 13.09
CA ALA B 114 7.02 -38.88 14.18
C ALA B 114 8.32 -38.09 14.05
N ILE B 115 9.38 -38.73 13.56
CA ILE B 115 10.69 -38.08 13.50
C ILE B 115 10.70 -36.99 12.42
N VAL B 116 10.15 -37.28 11.24
CA VAL B 116 10.36 -36.37 10.10
C VAL B 116 9.99 -34.92 10.43
N PRO B 117 8.88 -34.62 11.11
CA PRO B 117 8.64 -33.20 11.45
C PRO B 117 9.73 -32.59 12.30
N LEU B 118 10.33 -33.38 13.21
CA LEU B 118 11.38 -32.85 14.07
C LEU B 118 12.68 -32.62 13.30
N LEU B 119 12.88 -33.36 12.21
CA LEU B 119 14.08 -33.26 11.39
C LEU B 119 13.81 -32.54 10.07
N HIS B 120 12.84 -31.63 10.05
CA HIS B 120 12.43 -30.98 8.82
C HIS B 120 13.46 -29.97 8.32
N ARG B 121 14.41 -29.58 9.14
CA ARG B 121 15.31 -28.47 8.83
C ARG B 121 16.68 -28.93 8.34
N PHE B 122 16.82 -30.18 7.91
CA PHE B 122 18.10 -30.63 7.37
C PHE B 122 18.49 -29.83 6.13
N GLY B 123 17.53 -29.59 5.24
CA GLY B 123 17.79 -28.76 4.08
C GLY B 123 17.16 -29.28 2.80
N GLY B 124 16.54 -28.38 2.04
CA GLY B 124 16.04 -28.71 0.72
C GLY B 124 14.66 -29.36 0.76
N LEU B 125 14.20 -29.74 -0.44
CA LEU B 125 12.92 -30.39 -0.63
C LEU B 125 12.99 -31.89 -0.51
N VAL B 126 14.14 -32.44 -0.13
CA VAL B 126 14.30 -33.90 -0.07
C VAL B 126 13.54 -34.48 1.12
N ALA B 127 13.41 -33.71 2.21
CA ALA B 127 12.74 -34.22 3.41
C ALA B 127 11.26 -34.52 3.18
N PRO B 128 10.44 -33.60 2.64
CA PRO B 128 9.04 -33.96 2.38
C PRO B 128 8.89 -35.12 1.42
N LEU B 129 9.82 -35.26 0.46
CA LEU B 129 9.77 -36.38 -0.45
C LEU B 129 10.13 -37.68 0.24
N THR B 130 11.06 -37.62 1.20
CA THR B 130 11.41 -38.80 1.98
C THR B 130 10.23 -39.25 2.83
N PHE B 131 9.48 -38.29 3.37
CA PHE B 131 8.27 -38.65 4.11
C PHE B 131 7.32 -39.46 3.25
N ILE B 132 7.08 -39.03 2.01
CA ILE B 132 6.22 -39.76 1.10
C ILE B 132 6.81 -41.11 0.71
N GLY B 133 8.12 -41.19 0.50
CA GLY B 133 8.74 -42.48 0.23
C GLY B 133 8.48 -43.47 1.35
N THR B 134 8.67 -43.03 2.60
CA THR B 134 8.39 -43.89 3.74
C THR B 134 6.92 -44.29 3.77
N ALA B 135 6.02 -43.34 3.54
CA ALA B 135 4.60 -43.66 3.53
C ALA B 135 4.28 -44.74 2.50
N TYR B 136 4.75 -44.56 1.27
CA TYR B 136 4.48 -45.53 0.22
C TYR B 136 5.04 -46.89 0.56
N VAL B 137 6.28 -46.95 1.04
CA VAL B 137 6.89 -48.25 1.33
C VAL B 137 6.12 -48.95 2.44
N ALA B 138 5.82 -48.25 3.53
CA ALA B 138 5.12 -48.88 4.65
C ALA B 138 3.74 -49.36 4.24
N ILE B 139 2.99 -48.52 3.54
CA ILE B 139 1.63 -48.89 3.14
C ILE B 139 1.66 -50.07 2.17
N PHE B 140 2.58 -50.07 1.21
CA PHE B 140 2.69 -51.21 0.31
C PHE B 140 3.01 -52.48 1.06
N ALA B 141 3.96 -52.42 2.01
CA ALA B 141 4.35 -53.61 2.76
C ALA B 141 3.18 -54.15 3.56
N ILE B 142 2.42 -53.27 4.23
CA ILE B 142 1.31 -53.75 5.03
C ILE B 142 0.20 -54.30 4.13
N GLY B 143 -0.05 -53.64 2.99
CA GLY B 143 -1.10 -54.10 2.11
C GLY B 143 -0.83 -55.45 1.48
N TRP B 144 0.44 -55.71 1.13
CA TRP B 144 0.78 -56.97 0.48
C TRP B 144 0.39 -58.17 1.34
N ASP B 145 0.73 -58.12 2.63
CA ASP B 145 0.47 -59.27 3.50
C ASP B 145 -1.03 -59.48 3.70
N VAL B 146 -1.75 -58.42 4.04
CA VAL B 146 -3.18 -58.51 4.34
C VAL B 146 -3.96 -58.50 3.04
N GLY B 147 -5.26 -58.81 3.11
CA GLY B 147 -6.08 -58.84 1.92
C GLY B 147 -6.35 -57.46 1.36
N THR B 148 -6.88 -57.47 0.13
CA THR B 148 -7.17 -56.21 -0.55
C THR B 148 -8.33 -55.46 0.09
N ASP B 149 -9.24 -56.18 0.76
CA ASP B 149 -10.43 -55.55 1.30
C ASP B 149 -10.12 -54.66 2.51
N ALA B 150 -8.89 -54.69 3.02
CA ALA B 150 -8.55 -53.88 4.18
C ALA B 150 -8.71 -52.40 3.89
N GLY B 151 -8.26 -51.95 2.73
CA GLY B 151 -8.40 -50.57 2.33
C GLY B 151 -7.10 -49.84 2.01
N ALA B 152 -6.03 -50.55 1.65
CA ALA B 152 -4.79 -49.88 1.28
C ALA B 152 -4.99 -49.04 0.02
N GLN B 153 -5.95 -49.40 -0.82
CA GLN B 153 -6.16 -48.68 -2.07
C GLN B 153 -6.62 -47.24 -1.82
N PHE B 154 -7.46 -47.04 -0.81
CA PHE B 154 -8.09 -45.74 -0.59
C PHE B 154 -7.04 -44.69 -0.20
N PHE B 155 -6.07 -45.10 0.62
CA PHE B 155 -5.07 -44.14 1.08
C PHE B 155 -4.24 -43.61 -0.07
N PHE B 156 -3.96 -44.45 -1.07
CA PHE B 156 -3.25 -43.97 -2.26
C PHE B 156 -4.03 -42.87 -2.95
N LEU B 157 -5.34 -43.06 -3.09
CA LEU B 157 -6.15 -42.06 -3.76
C LEU B 157 -6.17 -40.75 -2.98
N VAL B 158 -6.25 -40.83 -1.64
CA VAL B 158 -6.15 -39.60 -0.85
C VAL B 158 -4.81 -38.92 -1.10
N ALA B 159 -3.72 -39.69 -1.03
CA ALA B 159 -2.39 -39.10 -1.14
C ALA B 159 -2.17 -38.49 -2.51
N ALA B 160 -2.79 -39.06 -3.54
CA ALA B 160 -2.60 -38.54 -4.89
C ALA B 160 -3.07 -37.09 -5.00
N ALA B 161 -4.24 -36.80 -4.43
CA ALA B 161 -4.72 -35.42 -4.42
C ALA B 161 -3.98 -34.57 -3.41
N LEU B 162 -3.54 -35.18 -2.31
CA LEU B 162 -2.95 -34.42 -1.21
C LEU B 162 -1.55 -33.91 -1.58
N VAL B 163 -0.78 -34.71 -2.33
CA VAL B 163 0.61 -34.36 -2.59
C VAL B 163 0.71 -33.07 -3.38
N VAL B 164 -0.15 -32.88 -4.38
CA VAL B 164 -0.08 -31.68 -5.20
C VAL B 164 -0.22 -30.44 -4.32
N LEU B 165 -1.18 -30.46 -3.40
CA LEU B 165 -1.31 -29.35 -2.46
C LEU B 165 -0.07 -29.22 -1.58
N LEU B 166 0.49 -30.35 -1.13
CA LEU B 166 1.62 -30.28 -0.22
C LEU B 166 2.82 -29.60 -0.85
N VAL B 167 3.13 -29.93 -2.11
CA VAL B 167 4.32 -29.39 -2.75
C VAL B 167 3.97 -28.08 -3.46
N GLY B 168 4.99 -27.24 -3.63
CA GLY B 168 4.78 -25.95 -4.25
C GLY B 168 4.60 -26.04 -5.75
N ILE B 169 4.28 -24.89 -6.36
CA ILE B 169 4.03 -24.84 -7.79
C ILE B 169 5.32 -25.14 -8.58
N GLU B 170 6.47 -24.70 -8.06
CA GLU B 170 7.71 -24.81 -8.82
C GLU B 170 7.97 -26.24 -9.25
N HIS B 171 7.51 -27.22 -8.46
CA HIS B 171 7.77 -28.63 -8.71
C HIS B 171 6.53 -29.38 -9.19
N THR B 172 5.54 -28.66 -9.75
CA THR B 172 4.30 -29.32 -10.15
C THR B 172 4.56 -30.55 -11.01
N ALA B 173 5.46 -30.42 -11.99
CA ALA B 173 5.75 -31.58 -12.84
C ALA B 173 6.11 -32.79 -11.99
N LEU B 174 7.09 -32.63 -11.10
CA LEU B 174 7.44 -33.73 -10.20
C LEU B 174 6.20 -34.23 -9.48
N ALA B 175 5.42 -33.32 -8.90
CA ALA B 175 4.20 -33.72 -8.21
C ALA B 175 3.35 -34.60 -9.11
N VAL B 176 3.13 -34.18 -10.36
CA VAL B 176 2.30 -34.98 -11.25
C VAL B 176 2.86 -36.40 -11.34
N GLY B 177 4.17 -36.52 -11.55
CA GLY B 177 4.76 -37.85 -11.59
C GLY B 177 4.40 -38.67 -10.38
N LEU B 178 4.57 -38.08 -9.18
CA LEU B 178 4.21 -38.80 -7.96
C LEU B 178 2.78 -39.31 -8.06
N ALA B 179 1.84 -38.45 -8.46
CA ALA B 179 0.47 -38.90 -8.61
C ALA B 179 0.40 -40.10 -9.53
N ALA B 180 1.00 -40.01 -10.72
CA ALA B 180 1.01 -41.15 -11.62
C ALA B 180 1.55 -42.38 -10.92
N VAL B 181 2.65 -42.22 -10.17
CA VAL B 181 3.22 -43.36 -9.47
C VAL B 181 2.15 -44.02 -8.60
N ALA B 182 1.44 -43.22 -7.80
CA ALA B 182 0.39 -43.79 -6.97
C ALA B 182 -0.59 -44.58 -7.82
N ALA B 183 -1.06 -43.98 -8.92
CA ALA B 183 -1.97 -44.70 -9.80
C ALA B 183 -1.36 -46.00 -10.29
N GLY B 184 -0.09 -45.95 -10.69
CA GLY B 184 0.58 -47.16 -11.15
C GLY B 184 0.53 -48.27 -10.12
N LEU B 185 0.55 -47.92 -8.84
CA LEU B 185 0.44 -48.94 -7.80
C LEU B 185 -0.98 -49.47 -7.69
N VAL B 186 -1.97 -48.58 -7.80
CA VAL B 186 -3.36 -48.99 -7.57
C VAL B 186 -3.76 -50.08 -8.57
N ILE B 187 -3.50 -49.86 -9.85
CA ILE B 187 -3.84 -50.86 -10.86
C ILE B 187 -3.14 -52.18 -10.53
N ALA B 188 -1.93 -52.10 -9.98
CA ALA B 188 -1.24 -53.32 -9.57
C ALA B 188 -1.83 -53.89 -8.29
N LEU B 189 -2.23 -53.01 -7.36
CA LEU B 189 -2.61 -53.48 -6.03
C LEU B 189 -3.80 -54.42 -6.09
N GLU B 190 -4.78 -54.12 -6.93
CA GLU B 190 -5.93 -55.00 -7.08
C GLU B 190 -5.51 -56.35 -7.65
N PHE B 191 -4.57 -56.35 -8.61
CA PHE B 191 -4.22 -57.57 -9.31
C PHE B 191 -3.12 -58.34 -8.58
N LEU B 192 -1.96 -57.71 -8.38
CA LEU B 192 -0.80 -58.43 -7.87
C LEU B 192 -1.04 -58.93 -6.45
N VAL B 193 -1.60 -58.09 -5.59
CA VAL B 193 -1.75 -58.46 -4.18
C VAL B 193 -2.71 -59.63 -4.07
N PRO B 194 -2.45 -60.63 -3.22
CA PRO B 194 -3.41 -61.73 -3.05
C PRO B 194 -4.71 -61.22 -2.42
N PRO B 195 -5.83 -61.33 -3.12
CA PRO B 195 -7.10 -60.87 -2.55
C PRO B 195 -7.54 -61.67 -1.33
N ASP B 196 -8.18 -60.98 -0.40
CA ASP B 196 -8.84 -61.59 0.75
C ASP B 196 -7.92 -62.53 1.51
N THR B 197 -6.66 -62.14 1.72
CA THR B 197 -5.78 -62.91 2.58
C THR B 197 -6.17 -62.70 4.03
N GLY B 198 -6.35 -63.80 4.75
CA GLY B 198 -6.87 -63.77 6.11
C GLY B 198 -5.75 -64.00 7.12
N LEU B 199 -5.47 -62.96 7.90
CA LEU B 199 -4.51 -63.03 9.00
C LEU B 199 -5.28 -62.89 10.31
N GLN B 200 -5.40 -64.00 11.03
CA GLN B 200 -6.03 -63.97 12.34
C GLN B 200 -7.48 -63.47 12.15
N PRO B 201 -8.09 -62.67 13.04
CA PRO B 201 -9.55 -62.47 12.93
C PRO B 201 -9.92 -61.65 11.71
N PRO B 202 -10.90 -62.11 10.92
CA PRO B 202 -11.39 -61.27 9.80
C PRO B 202 -12.26 -60.10 10.24
N TRP B 203 -13.04 -60.26 11.32
CA TRP B 203 -13.93 -59.19 11.73
C TRP B 203 -13.15 -57.92 12.07
N ALA B 204 -12.00 -58.08 12.71
CA ALA B 204 -11.12 -56.94 12.91
C ALA B 204 -10.70 -56.34 11.57
N MET B 205 -10.57 -57.17 10.55
CA MET B 205 -10.25 -56.67 9.21
C MET B 205 -11.37 -55.79 8.66
N SER B 206 -12.62 -56.21 8.84
CA SER B 206 -13.75 -55.39 8.39
C SER B 206 -13.78 -54.06 9.15
N VAL B 207 -13.58 -54.12 10.47
CA VAL B 207 -13.52 -52.89 11.25
C VAL B 207 -12.38 -52.00 10.76
N SER B 208 -11.27 -52.62 10.36
CA SER B 208 -10.16 -51.87 9.79
C SER B 208 -10.57 -51.16 8.51
N PHE B 209 -11.37 -51.84 7.67
CA PHE B 209 -11.86 -51.18 6.47
C PHE B 209 -12.69 -49.94 6.81
N VAL B 210 -13.61 -50.08 7.77
CA VAL B 210 -14.44 -48.94 8.15
C VAL B 210 -13.57 -47.78 8.64
N LEU B 211 -12.61 -48.09 9.52
CA LEU B 211 -11.73 -47.06 10.05
C LEU B 211 -10.89 -46.45 8.92
N THR B 212 -10.48 -47.26 7.96
CA THR B 212 -9.69 -46.75 6.84
C THR B 212 -10.49 -45.72 6.06
N THR B 213 -11.76 -46.02 5.76
CA THR B 213 -12.60 -45.07 5.05
C THR B 213 -12.70 -43.76 5.83
N VAL B 214 -13.03 -43.86 7.11
CA VAL B 214 -13.25 -42.64 7.90
C VAL B 214 -11.96 -41.82 7.97
N SER B 215 -10.83 -42.46 8.22
CA SER B 215 -9.56 -41.75 8.31
C SER B 215 -9.19 -41.12 6.98
N ALA B 216 -9.39 -41.84 5.88
CA ALA B 216 -9.05 -41.32 4.57
C ALA B 216 -9.84 -40.04 4.28
N CYS B 217 -11.12 -40.02 4.67
CA CYS B 217 -11.88 -38.78 4.51
C CYS B 217 -11.38 -37.68 5.44
N GLY B 218 -11.20 -38.00 6.72
CA GLY B 218 -10.92 -36.97 7.70
C GLY B 218 -9.59 -36.29 7.50
N VAL B 219 -8.55 -37.06 7.18
CA VAL B 219 -7.23 -36.48 7.00
C VAL B 219 -7.26 -35.42 5.90
N ALA B 220 -7.83 -35.77 4.75
CA ALA B 220 -7.90 -34.81 3.64
C ALA B 220 -8.73 -33.60 4.03
N VAL B 221 -9.88 -33.81 4.67
CA VAL B 221 -10.72 -32.67 5.04
C VAL B 221 -9.93 -31.71 5.93
N ALA B 222 -9.29 -32.25 6.97
CA ALA B 222 -8.59 -31.40 7.93
C ALA B 222 -7.43 -30.67 7.27
N THR B 223 -6.63 -31.37 6.46
CA THR B 223 -5.47 -30.72 5.85
C THR B 223 -5.89 -29.61 4.90
N VAL B 224 -6.90 -29.88 4.06
CA VAL B 224 -7.34 -28.87 3.11
C VAL B 224 -7.89 -27.65 3.86
N TRP B 225 -8.69 -27.90 4.90
CA TRP B 225 -9.24 -26.78 5.66
C TRP B 225 -8.14 -25.97 6.32
N PHE B 226 -7.12 -26.63 6.87
CA PHE B 226 -6.03 -25.92 7.50
C PHE B 226 -5.28 -25.05 6.50
N ALA B 227 -5.01 -25.57 5.30
CA ALA B 227 -4.34 -24.78 4.28
C ALA B 227 -5.17 -23.56 3.91
N LEU B 228 -6.49 -23.75 3.71
CA LEU B 228 -7.34 -22.62 3.35
C LEU B 228 -7.38 -21.58 4.47
N ARG B 229 -7.42 -22.03 5.72
CA ARG B 229 -7.40 -21.11 6.85
C ARG B 229 -6.12 -20.28 6.86
N ASP B 230 -4.98 -20.92 6.64
CA ASP B 230 -3.72 -20.18 6.62
C ASP B 230 -3.72 -19.15 5.49
N THR B 231 -4.20 -19.54 4.31
CA THR B 231 -4.25 -18.61 3.20
C THR B 231 -5.13 -17.40 3.51
N ALA B 232 -6.31 -17.65 4.10
CA ALA B 232 -7.22 -16.56 4.43
C ALA B 232 -6.60 -15.62 5.46
N ARG B 233 -5.92 -16.18 6.47
CA ARG B 233 -5.27 -15.34 7.47
C ARG B 233 -4.22 -14.44 6.81
N ALA B 234 -3.38 -15.03 5.95
CA ALA B 234 -2.37 -14.23 5.27
C ALA B 234 -3.02 -13.13 4.43
N GLU B 235 -4.10 -13.45 3.73
CA GLU B 235 -4.78 -12.45 2.91
C GLU B 235 -5.32 -11.31 3.76
N ALA B 236 -5.90 -11.63 4.92
CA ALA B 236 -6.46 -10.59 5.78
C ALA B 236 -5.38 -9.65 6.28
N VAL B 237 -4.25 -10.21 6.75
CA VAL B 237 -3.17 -9.36 7.22
C VAL B 237 -2.65 -8.49 6.08
N MET B 238 -2.42 -9.09 4.91
CA MET B 238 -2.01 -8.34 3.74
C MET B 238 -2.95 -7.17 3.47
N GLU B 239 -4.26 -7.43 3.48
CA GLU B 239 -5.22 -6.39 3.13
C GLU B 239 -5.20 -5.26 4.13
N ALA B 240 -5.16 -5.57 5.42
CA ALA B 240 -5.12 -4.50 6.42
C ALA B 240 -3.87 -3.64 6.24
N GLU B 241 -2.71 -4.29 6.08
CA GLU B 241 -1.46 -3.54 5.96
C GLU B 241 -1.49 -2.63 4.73
N HIS B 242 -2.01 -3.14 3.61
CA HIS B 242 -2.08 -2.30 2.42
C HIS B 242 -3.09 -1.17 2.57
N ASP B 243 -4.21 -1.46 3.25
CA ASP B 243 -5.28 -0.47 3.37
C ASP B 243 -4.82 0.73 4.18
N ARG B 244 -4.06 0.50 5.24
CA ARG B 244 -3.59 1.64 6.03
C ARG B 244 -2.76 2.61 5.18
N SER B 245 -1.79 2.08 4.43
CA SER B 245 -0.95 2.91 3.59
C SER B 245 -1.76 3.61 2.51
N GLU B 246 -2.72 2.89 1.90
CA GLU B 246 -3.55 3.51 0.88
C GLU B 246 -4.35 4.67 1.47
N ALA B 247 -4.88 4.50 2.68
CA ALA B 247 -5.62 5.58 3.32
C ALA B 247 -4.74 6.79 3.56
N LEU B 248 -3.51 6.56 4.05
CA LEU B 248 -2.61 7.70 4.25
C LEU B 248 -2.33 8.43 2.94
N LEU B 249 -2.01 7.67 1.89
CA LEU B 249 -1.72 8.29 0.60
C LEU B 249 -2.91 9.08 0.07
N ALA B 250 -4.11 8.51 0.20
CA ALA B 250 -5.30 9.23 -0.23
C ALA B 250 -5.48 10.50 0.57
N ASN B 251 -5.19 10.46 1.87
CA ASN B 251 -5.29 11.66 2.69
C ASN B 251 -4.37 12.76 2.18
N MET B 252 -3.13 12.40 1.85
CA MET B 252 -2.10 13.43 1.71
C MET B 252 -1.91 13.86 0.26
N LEU B 253 -2.70 13.31 -0.68
CA LEU B 253 -2.82 13.85 -2.02
C LEU B 253 -4.18 13.53 -2.61
N PRO B 254 -4.66 14.35 -3.55
CA PRO B 254 -5.89 14.01 -4.27
C PRO B 254 -5.76 12.69 -5.01
N ALA B 255 -6.89 11.99 -5.16
CA ALA B 255 -6.88 10.66 -5.77
C ALA B 255 -6.46 10.72 -7.23
N SER B 256 -6.99 11.68 -7.99
CA SER B 256 -6.78 11.67 -9.44
C SER B 256 -5.31 11.76 -9.79
N ILE B 257 -4.56 12.63 -9.11
CA ILE B 257 -3.14 12.81 -9.42
C ILE B 257 -2.32 11.65 -8.87
N ALA B 258 -2.82 10.96 -7.85
CA ALA B 258 -2.07 9.84 -7.28
C ALA B 258 -1.83 8.76 -8.32
N GLU B 259 -2.84 8.46 -9.14
CA GLU B 259 -2.67 7.46 -10.18
C GLU B 259 -1.58 7.87 -11.16
N ARG B 260 -1.55 9.16 -11.54
CA ARG B 260 -0.48 9.64 -12.42
C ARG B 260 0.88 9.45 -11.77
N LEU B 261 0.98 9.79 -10.48
CA LEU B 261 2.26 9.65 -9.78
C LEU B 261 2.71 8.20 -9.72
N LYS B 262 1.77 7.27 -9.57
CA LYS B 262 2.14 5.86 -9.39
C LYS B 262 2.77 5.29 -10.65
N GLU B 263 2.36 5.76 -11.82
CA GLU B 263 2.80 5.14 -13.07
C GLU B 263 4.32 5.28 -13.21
N PRO B 264 5.01 4.21 -13.65
CA PRO B 264 6.47 4.34 -13.85
C PRO B 264 6.86 5.45 -14.80
N GLU B 265 6.11 5.64 -15.88
CA GLU B 265 6.44 6.68 -16.83
C GLU B 265 6.32 8.05 -16.18
N ARG B 266 7.32 8.90 -16.42
CA ARG B 266 7.41 10.21 -15.80
C ARG B 266 7.05 11.27 -16.83
N ASN B 267 6.01 12.05 -16.53
CA ASN B 267 5.60 13.16 -17.37
C ASN B 267 5.32 14.37 -16.48
N ILE B 268 5.70 15.54 -16.97
CA ILE B 268 5.49 16.77 -16.22
C ILE B 268 4.00 17.05 -16.14
N ILE B 269 3.50 17.26 -14.93
CA ILE B 269 2.08 17.46 -14.68
C ILE B 269 1.83 18.97 -14.64
N ALA B 270 1.11 19.47 -15.64
CA ALA B 270 0.71 20.87 -15.72
C ALA B 270 -0.76 20.94 -16.09
N ASP B 271 -1.55 21.61 -15.28
CA ASP B 271 -2.98 21.77 -15.50
C ASP B 271 -3.33 23.25 -15.44
N LYS B 272 -4.01 23.72 -16.48
CA LYS B 272 -4.38 25.12 -16.64
C LYS B 272 -5.84 25.28 -16.19
N TYR B 273 -6.08 26.26 -15.32
CA TYR B 273 -7.43 26.50 -14.82
C TYR B 273 -7.78 27.97 -15.04
N ASP B 274 -8.91 28.19 -15.71
CA ASP B 274 -9.28 29.54 -16.13
C ASP B 274 -9.55 30.45 -14.95
N GLU B 275 -10.29 29.97 -13.95
CA GLU B 275 -10.62 30.77 -12.79
C GLU B 275 -10.37 29.98 -11.52
N ALA B 276 -9.91 30.68 -10.49
CA ALA B 276 -9.70 30.11 -9.17
C ALA B 276 -9.56 31.26 -8.19
N SER B 277 -9.61 30.92 -6.90
CA SER B 277 -9.45 31.93 -5.86
C SER B 277 -8.56 31.36 -4.77
N VAL B 278 -7.70 32.23 -4.21
CA VAL B 278 -6.72 31.84 -3.22
C VAL B 278 -6.85 32.76 -2.02
N LEU B 279 -6.70 32.18 -0.82
CA LEU B 279 -6.77 32.90 0.43
C LEU B 279 -5.50 32.62 1.22
N PHE B 280 -4.87 33.68 1.73
CA PHE B 280 -3.68 33.58 2.56
C PHE B 280 -3.97 34.17 3.93
N ALA B 281 -3.60 33.43 4.98
CA ALA B 281 -3.76 33.87 6.35
C ALA B 281 -2.43 33.78 7.06
N ASP B 282 -2.10 34.78 7.89
CA ASP B 282 -0.84 34.79 8.61
C ASP B 282 -1.02 35.35 10.01
N ILE B 283 -0.09 34.98 10.88
CA ILE B 283 -0.10 35.41 12.28
C ILE B 283 0.73 36.68 12.41
N VAL B 284 0.41 37.50 13.40
CA VAL B 284 1.09 38.77 13.66
C VAL B 284 1.87 38.65 14.96
N GLY B 285 3.10 39.14 14.95
CA GLY B 285 3.92 39.12 16.15
C GLY B 285 4.21 37.73 16.67
N PHE B 286 4.37 36.77 15.76
CA PHE B 286 4.65 35.40 16.18
C PHE B 286 6.01 35.29 16.85
N THR B 287 6.99 36.06 16.37
CA THR B 287 8.32 36.02 16.96
C THR B 287 8.30 36.48 18.42
N GLU B 288 7.54 37.55 18.70
CA GLU B 288 7.46 38.04 20.07
C GLU B 288 6.86 36.97 20.99
N ARG B 289 5.82 36.29 20.52
CA ARG B 289 5.25 35.19 21.29
C ARG B 289 6.27 34.07 21.48
N ALA B 290 7.06 33.80 20.44
CA ALA B 290 8.06 32.73 20.53
C ALA B 290 9.12 33.05 21.57
N SER B 291 9.48 34.33 21.70
CA SER B 291 10.56 34.70 22.62
C SER B 291 10.24 34.28 24.05
N SER B 292 8.97 34.35 24.44
CA SER B 292 8.57 34.11 25.83
C SER B 292 8.03 32.70 26.06
N THR B 293 8.12 31.80 25.08
CA THR B 293 7.56 30.47 25.21
C THR B 293 8.58 29.44 24.75
N ALA B 294 8.47 28.24 25.33
CA ALA B 294 9.36 27.15 24.94
C ALA B 294 9.03 26.68 23.53
N PRO B 295 10.03 26.32 22.71
CA PRO B 295 9.71 25.88 21.34
C PRO B 295 8.74 24.72 21.27
N ALA B 296 8.89 23.74 22.16
CA ALA B 296 8.05 22.55 22.10
C ALA B 296 6.58 22.90 22.31
N ASP B 297 6.29 23.78 23.27
CA ASP B 297 4.92 24.21 23.49
C ASP B 297 4.41 25.02 22.29
N LEU B 298 5.29 25.79 21.66
CA LEU B 298 4.89 26.60 20.51
C LEU B 298 4.46 25.72 19.35
N VAL B 299 5.20 24.65 19.09
CA VAL B 299 4.81 23.73 18.02
C VAL B 299 3.45 23.11 18.32
N ARG B 300 3.22 22.76 19.59
CA ARG B 300 1.93 22.19 19.96
C ARG B 300 0.79 23.18 19.72
N PHE B 301 1.02 24.45 20.06
CA PHE B 301 0.02 25.48 19.81
C PHE B 301 -0.28 25.60 18.32
N LEU B 302 0.77 25.60 17.50
CA LEU B 302 0.56 25.66 16.05
C LEU B 302 -0.26 24.46 15.56
N ASP B 303 0.06 23.27 16.08
CA ASP B 303 -0.67 22.07 15.67
C ASP B 303 -2.14 22.17 16.03
N ARG B 304 -2.45 22.64 17.24
CA ARG B 304 -3.84 22.80 17.65
C ARG B 304 -4.57 23.77 16.72
N LEU B 305 -3.97 24.93 16.48
CA LEU B 305 -4.61 25.93 15.62
C LEU B 305 -4.88 25.37 14.23
N TYR B 306 -3.88 24.72 13.65
CA TYR B 306 -4.03 24.23 12.28
C TYR B 306 -4.98 23.04 12.21
N SER B 307 -5.08 22.25 13.28
CA SER B 307 -6.08 21.19 13.29
C SER B 307 -7.49 21.76 13.26
N ALA B 308 -7.74 22.80 14.06
CA ALA B 308 -9.06 23.43 14.01
C ALA B 308 -9.34 24.00 12.62
N PHE B 309 -8.36 24.70 12.05
CA PHE B 309 -8.57 25.29 10.73
C PHE B 309 -8.80 24.21 9.68
N ASP B 310 -8.10 23.08 9.79
CA ASP B 310 -8.27 21.99 8.84
C ASP B 310 -9.66 21.39 8.94
N GLU B 311 -10.17 21.22 10.16
CA GLU B 311 -11.54 20.75 10.31
C GLU B 311 -12.51 21.70 9.63
N LEU B 312 -12.36 23.00 9.86
CA LEU B 312 -13.27 23.96 9.21
C LEU B 312 -13.15 23.89 7.70
N VAL B 313 -11.93 23.76 7.17
CA VAL B 313 -11.75 23.70 5.72
C VAL B 313 -12.43 22.48 5.14
N ASP B 314 -12.16 21.30 5.71
CA ASP B 314 -12.82 20.09 5.23
C ASP B 314 -14.33 20.26 5.31
N GLN B 315 -14.80 20.99 6.32
CA GLN B 315 -16.23 21.05 6.58
C GLN B 315 -16.91 22.02 5.61
N HIS B 316 -16.16 22.99 5.08
CA HIS B 316 -16.64 23.80 3.97
C HIS B 316 -16.45 23.14 2.61
N GLY B 317 -15.54 22.17 2.50
CA GLY B 317 -15.28 21.50 1.24
C GLY B 317 -14.11 22.03 0.44
N LEU B 318 -13.54 23.17 0.82
CA LEU B 318 -12.40 23.72 0.11
C LEU B 318 -11.16 22.86 0.36
N GLU B 319 -10.12 23.11 -0.43
CA GLU B 319 -8.86 22.37 -0.37
C GLU B 319 -7.75 23.28 0.12
N LYS B 320 -6.86 22.72 0.93
CA LYS B 320 -5.68 23.41 1.44
C LYS B 320 -4.45 22.72 0.86
N ILE B 321 -3.55 23.51 0.27
CA ILE B 321 -2.39 22.95 -0.42
C ILE B 321 -1.28 22.64 0.57
N LYS B 322 -0.95 23.59 1.43
CA LYS B 322 0.19 23.42 2.34
C LYS B 322 0.04 24.35 3.52
N VAL B 323 0.90 24.16 4.50
CA VAL B 323 0.94 24.96 5.71
C VAL B 323 2.41 25.21 6.06
N SER B 324 2.90 26.41 5.73
CA SER B 324 4.29 26.78 5.95
C SER B 324 4.37 27.71 7.15
N GLY B 325 4.86 27.19 8.27
CA GLY B 325 5.01 27.99 9.46
C GLY B 325 3.72 28.67 9.86
N ASP B 326 3.75 30.01 9.97
CA ASP B 326 2.56 30.75 10.35
C ASP B 326 1.55 30.81 9.21
N SER B 327 2.03 30.73 7.97
CA SER B 327 1.15 30.96 6.83
C SER B 327 0.21 29.78 6.61
N TYR B 328 -1.02 30.09 6.25
CA TYR B 328 -2.05 29.12 5.91
C TYR B 328 -2.63 29.49 4.55
N MET B 329 -2.63 28.53 3.63
CA MET B 329 -3.03 28.75 2.25
C MET B 329 -4.24 27.90 1.93
N VAL B 330 -5.25 28.51 1.31
CA VAL B 330 -6.44 27.79 0.86
C VAL B 330 -6.70 28.15 -0.59
N VAL B 331 -7.15 27.18 -1.38
CA VAL B 331 -7.42 27.36 -2.79
C VAL B 331 -8.80 26.77 -3.09
N SER B 332 -9.57 27.47 -3.92
CA SER B 332 -10.95 27.08 -4.21
C SER B 332 -11.11 26.79 -5.70
N GLY B 333 -11.73 25.65 -6.01
CA GLY B 333 -12.17 25.34 -7.34
C GLY B 333 -11.13 24.72 -8.26
N VAL B 334 -9.89 24.56 -7.81
CA VAL B 334 -8.87 23.98 -8.67
C VAL B 334 -9.22 22.55 -9.08
N PRO B 335 -9.48 21.62 -8.16
CA PRO B 335 -9.79 20.25 -8.60
C PRO B 335 -11.06 20.17 -9.43
N ARG B 336 -12.07 20.98 -9.11
CA ARG B 336 -13.31 21.00 -9.86
C ARG B 336 -13.81 22.44 -9.94
N PRO B 337 -13.98 23.00 -11.14
CA PRO B 337 -14.48 24.38 -11.23
C PRO B 337 -15.93 24.48 -10.78
N ARG B 338 -16.28 25.65 -10.25
CA ARG B 338 -17.63 25.93 -9.83
C ARG B 338 -17.95 27.39 -10.10
N PRO B 339 -19.22 27.72 -10.32
CA PRO B 339 -19.57 29.13 -10.63
C PRO B 339 -19.43 30.06 -9.44
N ASP B 340 -19.58 29.56 -8.22
CA ASP B 340 -19.62 30.39 -7.01
C ASP B 340 -18.43 30.14 -6.09
N HIS B 341 -17.24 29.97 -6.66
CA HIS B 341 -16.06 29.72 -5.84
C HIS B 341 -15.76 30.90 -4.91
N THR B 342 -15.83 32.12 -5.44
CA THR B 342 -15.42 33.29 -4.67
C THR B 342 -16.34 33.52 -3.47
N GLN B 343 -17.64 33.33 -3.65
CA GLN B 343 -18.57 33.49 -2.54
C GLN B 343 -18.27 32.50 -1.42
N ALA B 344 -18.02 31.25 -1.80
CA ALA B 344 -17.69 30.24 -0.80
C ALA B 344 -16.40 30.60 -0.07
N LEU B 345 -15.39 31.08 -0.80
CA LEU B 345 -14.14 31.46 -0.17
C LEU B 345 -14.36 32.61 0.81
N ALA B 346 -15.17 33.59 0.44
CA ALA B 346 -15.43 34.72 1.34
C ALA B 346 -16.13 34.26 2.61
N ASP B 347 -17.15 33.40 2.48
CA ASP B 347 -17.84 32.90 3.65
C ASP B 347 -16.89 32.11 4.54
N PHE B 348 -16.04 31.28 3.93
CA PHE B 348 -15.06 30.53 4.70
C PHE B 348 -14.12 31.45 5.43
N ALA B 349 -13.69 32.54 4.78
CA ALA B 349 -12.79 33.48 5.43
C ALA B 349 -13.45 34.13 6.64
N LEU B 350 -14.72 34.51 6.52
CA LEU B 350 -15.42 35.08 7.66
C LEU B 350 -15.48 34.09 8.82
N ASP B 351 -15.85 32.84 8.52
CA ASP B 351 -15.91 31.84 9.57
C ASP B 351 -14.54 31.62 10.20
N MET B 352 -13.49 31.63 9.38
CA MET B 352 -12.14 31.44 9.90
C MET B 352 -11.74 32.57 10.83
N THR B 353 -12.06 33.81 10.46
CA THR B 353 -11.76 34.92 11.35
C THR B 353 -12.47 34.77 12.69
N ASN B 354 -13.75 34.40 12.66
CA ASN B 354 -14.48 34.22 13.92
C ASN B 354 -13.83 33.14 14.77
N VAL B 355 -13.52 31.99 14.16
CA VAL B 355 -12.93 30.87 14.91
C VAL B 355 -11.59 31.29 15.50
N ALA B 356 -10.75 31.95 14.70
CA ALA B 356 -9.44 32.37 15.19
C ALA B 356 -9.59 33.35 16.35
N ALA B 357 -10.55 34.27 16.25
CA ALA B 357 -10.77 35.20 17.34
C ALA B 357 -11.16 34.47 18.62
N GLN B 358 -12.03 33.47 18.51
CA GLN B 358 -12.47 32.77 19.72
C GLN B 358 -11.33 32.03 20.40
N LEU B 359 -10.45 31.39 19.62
CA LEU B 359 -9.43 30.52 20.20
C LEU B 359 -8.44 31.33 21.03
N LYS B 360 -7.80 30.63 21.97
CA LYS B 360 -6.89 31.25 22.94
C LYS B 360 -5.53 30.57 22.88
N ASP B 361 -4.47 31.36 23.01
CA ASP B 361 -3.10 30.86 22.98
C ASP B 361 -2.60 30.64 24.41
N PRO B 362 -1.44 29.99 24.56
CA PRO B 362 -0.92 29.77 25.93
C PRO B 362 -0.69 31.05 26.70
N ARG B 363 -0.23 32.11 26.03
CA ARG B 363 0.00 33.38 26.71
C ARG B 363 -1.31 33.96 27.23
N GLY B 364 -2.42 33.66 26.57
CA GLY B 364 -3.70 34.23 26.90
C GLY B 364 -4.08 35.44 26.07
N ASN B 365 -3.12 36.03 25.37
CA ASN B 365 -3.44 37.12 24.46
C ASN B 365 -4.18 36.57 23.25
N PRO B 366 -5.10 37.34 22.66
CA PRO B 366 -5.73 36.89 21.41
C PRO B 366 -4.71 36.80 20.30
N VAL B 367 -4.97 35.88 19.36
CA VAL B 367 -4.12 35.70 18.20
C VAL B 367 -4.79 36.37 17.01
N PRO B 368 -4.31 37.53 16.55
CA PRO B 368 -4.89 38.14 15.35
C PRO B 368 -4.35 37.46 14.09
N LEU B 369 -5.12 37.54 13.02
CA LEU B 369 -4.75 36.95 11.75
C LEU B 369 -5.00 37.95 10.64
N ARG B 370 -4.02 38.09 9.74
CA ARG B 370 -4.16 38.91 8.55
C ARG B 370 -4.54 38.01 7.38
N VAL B 371 -5.60 38.38 6.66
CA VAL B 371 -6.18 37.55 5.62
C VAL B 371 -6.29 38.38 4.33
N GLY B 372 -5.75 37.84 3.26
CA GLY B 372 -5.85 38.45 1.95
C GLY B 372 -6.38 37.46 0.93
N LEU B 373 -7.30 37.93 0.09
CA LEU B 373 -7.89 37.06 -0.92
C LEU B 373 -7.58 37.59 -2.31
N ALA B 374 -7.45 36.66 -3.26
CA ALA B 374 -7.20 37.01 -4.66
C ALA B 374 -7.90 35.99 -5.55
N THR B 375 -8.05 36.35 -6.82
CA THR B 375 -8.70 35.47 -7.80
C THR B 375 -8.05 35.65 -9.17
N GLY B 376 -8.17 34.61 -9.98
CA GLY B 376 -7.63 34.62 -11.32
C GLY B 376 -7.30 33.22 -11.82
N PRO B 377 -6.78 33.13 -13.05
CA PRO B 377 -6.37 31.82 -13.56
C PRO B 377 -5.16 31.29 -12.82
N VAL B 378 -5.01 29.97 -12.78
CA VAL B 378 -3.93 29.33 -12.05
C VAL B 378 -3.41 28.11 -12.80
N VAL B 379 -2.24 27.66 -12.38
CA VAL B 379 -1.59 26.46 -12.90
C VAL B 379 -1.35 25.52 -11.73
N ALA B 380 -1.67 24.25 -11.90
CA ALA B 380 -1.53 23.25 -10.84
C ALA B 380 -0.70 22.08 -11.34
N GLY B 381 -0.05 21.41 -10.41
CA GLY B 381 0.75 20.24 -10.70
C GLY B 381 1.97 20.18 -9.80
N VAL B 382 2.57 19.00 -9.74
CA VAL B 382 3.75 18.77 -8.92
C VAL B 382 4.98 19.31 -9.64
N VAL B 383 6.08 19.44 -8.90
CA VAL B 383 7.34 19.92 -9.44
C VAL B 383 8.47 19.22 -8.71
N GLY B 384 9.57 18.99 -9.42
CA GLY B 384 10.70 18.28 -8.88
C GLY B 384 10.65 16.79 -9.17
N SER B 385 11.69 16.10 -8.72
CA SER B 385 11.76 14.65 -8.83
C SER B 385 11.71 13.96 -7.46
N ARG B 386 11.54 14.71 -6.38
CA ARG B 386 11.52 14.14 -5.04
C ARG B 386 10.69 15.03 -4.14
N ARG B 387 10.04 14.42 -3.16
CA ARG B 387 9.25 15.14 -2.17
C ARG B 387 8.14 15.95 -2.85
N PHE B 388 7.24 15.24 -3.52
CA PHE B 388 6.18 15.87 -4.29
C PHE B 388 5.08 16.41 -3.40
N PHE B 389 4.41 17.47 -3.87
CA PHE B 389 3.17 17.93 -3.28
C PHE B 389 2.47 18.85 -4.28
N TYR B 390 1.15 18.97 -4.12
CA TYR B 390 0.28 19.34 -5.24
C TYR B 390 0.66 20.69 -5.84
N ASP B 391 0.81 21.71 -5.01
CA ASP B 391 1.21 23.05 -5.45
C ASP B 391 0.15 23.75 -6.30
N VAL B 392 0.38 25.04 -6.53
CA VAL B 392 -0.46 25.86 -7.40
C VAL B 392 0.39 27.06 -7.80
N TRP B 393 0.05 27.67 -8.93
CA TRP B 393 0.81 28.81 -9.44
C TRP B 393 -0.11 29.74 -10.21
N GLY B 394 0.31 30.98 -10.32
CA GLY B 394 -0.41 31.97 -11.09
C GLY B 394 -0.20 33.37 -10.53
N ASP B 395 -0.74 34.35 -11.25
CA ASP B 395 -0.66 35.73 -10.80
C ASP B 395 -1.48 35.94 -9.53
N ALA B 396 -2.58 35.19 -9.39
CA ALA B 396 -3.42 35.34 -8.21
C ALA B 396 -2.64 35.08 -6.93
N VAL B 397 -1.66 34.18 -6.98
CA VAL B 397 -0.84 33.91 -5.80
C VAL B 397 -0.02 35.14 -5.42
N ASN B 398 0.61 35.78 -6.40
CA ASN B 398 1.34 37.01 -6.13
C ASN B 398 0.42 38.07 -5.54
N VAL B 399 -0.75 38.24 -6.15
CA VAL B 399 -1.70 39.22 -5.63
C VAL B 399 -2.05 38.92 -4.19
N ALA B 400 -2.40 37.67 -3.89
CA ALA B 400 -2.81 37.30 -2.55
C ALA B 400 -1.68 37.52 -1.56
N SER B 401 -0.45 37.16 -1.93
CA SER B 401 0.68 37.39 -1.03
C SER B 401 0.85 38.87 -0.72
N ARG B 402 0.78 39.72 -1.74
CA ARG B 402 0.91 41.16 -1.49
C ARG B 402 -0.19 41.66 -0.58
N MET B 403 -1.45 41.31 -0.88
CA MET B 403 -2.56 41.74 -0.05
C MET B 403 -2.38 41.30 1.39
N GLU B 404 -2.10 40.02 1.60
CA GLU B 404 -1.94 39.53 2.96
C GLU B 404 -0.81 40.27 3.67
N SER B 405 0.28 40.55 2.97
CA SER B 405 1.39 41.26 3.59
C SER B 405 0.97 42.65 4.03
N THR B 406 0.18 43.34 3.22
CA THR B 406 -0.23 44.71 3.53
C THR B 406 -1.54 44.78 4.33
N ASP B 407 -2.12 43.66 4.72
CA ASP B 407 -3.39 43.69 5.42
C ASP B 407 -3.21 44.15 6.87
N SER B 408 -4.21 44.86 7.38
CA SER B 408 -4.20 45.30 8.76
C SER B 408 -4.57 44.15 9.69
N VAL B 409 -4.27 44.34 10.98
CA VAL B 409 -4.54 43.29 11.96
C VAL B 409 -6.04 43.06 12.10
N GLY B 410 -6.44 41.80 12.10
CA GLY B 410 -7.85 41.45 12.29
C GLY B 410 -8.75 41.98 11.20
N GLN B 411 -8.33 41.87 9.94
CA GLN B 411 -9.12 42.36 8.82
C GLN B 411 -8.86 41.50 7.60
N ILE B 412 -9.79 41.54 6.66
CA ILE B 412 -9.70 40.79 5.41
C ILE B 412 -9.68 41.79 4.26
N GLN B 413 -8.70 41.65 3.37
CA GLN B 413 -8.55 42.60 2.27
C GLN B 413 -8.60 41.89 0.92
N VAL B 414 -9.19 42.58 -0.06
CA VAL B 414 -9.40 42.08 -1.42
C VAL B 414 -9.20 43.22 -2.41
N PRO B 415 -8.88 42.91 -3.67
CA PRO B 415 -8.66 43.96 -4.67
C PRO B 415 -9.97 44.46 -5.27
N ASP B 416 -9.82 45.36 -6.24
CA ASP B 416 -10.99 45.89 -6.96
C ASP B 416 -11.68 44.81 -7.77
N GLU B 417 -10.90 43.92 -8.39
CA GLU B 417 -11.50 42.89 -9.23
C GLU B 417 -12.40 41.97 -8.42
N VAL B 418 -11.94 41.55 -7.24
CA VAL B 418 -12.77 40.72 -6.37
C VAL B 418 -13.97 41.52 -5.87
N TYR B 419 -13.77 42.82 -5.62
CA TYR B 419 -14.87 43.69 -5.24
C TYR B 419 -15.94 43.73 -6.31
N GLU B 420 -15.54 43.61 -7.58
CA GLU B 420 -16.53 43.60 -8.65
C GLU B 420 -17.47 42.41 -8.53
N ARG B 421 -16.95 41.28 -8.03
CA ARG B 421 -17.76 40.06 -7.96
C ARG B 421 -18.54 39.99 -6.66
N LEU B 422 -17.90 40.34 -5.53
CA LEU B 422 -18.48 40.03 -4.23
C LEU B 422 -19.44 41.10 -3.72
N LYS B 423 -19.53 42.27 -4.36
CA LYS B 423 -20.39 43.32 -3.82
C LYS B 423 -21.85 42.87 -3.81
N ASP B 424 -22.25 42.06 -4.79
CA ASP B 424 -23.66 41.72 -4.93
C ASP B 424 -24.18 40.95 -3.73
N ASP B 425 -23.39 40.01 -3.21
CA ASP B 425 -23.82 39.11 -2.15
C ASP B 425 -23.07 39.30 -0.84
N PHE B 426 -22.11 40.23 -0.79
CA PHE B 426 -21.31 40.44 0.41
C PHE B 426 -21.10 41.93 0.63
N VAL B 427 -20.65 42.28 1.83
CA VAL B 427 -20.45 43.67 2.21
C VAL B 427 -18.95 43.95 2.20
N LEU B 428 -18.53 44.86 1.34
CA LEU B 428 -17.16 45.34 1.28
C LEU B 428 -17.17 46.86 1.43
N ARG B 429 -16.31 47.37 2.30
CA ARG B 429 -16.31 48.79 2.65
C ARG B 429 -14.89 49.29 2.91
N GLU B 430 -14.77 50.62 2.92
CA GLU B 430 -13.57 51.36 3.30
C GLU B 430 -12.33 51.01 2.48
N ARG B 431 -11.29 51.82 2.63
CA ARG B 431 -10.09 51.77 1.79
C ARG B 431 -10.36 51.16 0.41
N MET B 442 -2.38 49.17 -6.07
CA MET B 442 -3.74 49.11 -6.56
C MET B 442 -4.74 49.38 -5.43
N ARG B 443 -5.95 49.78 -5.80
CA ARG B 443 -6.97 50.08 -4.80
C ARG B 443 -7.63 48.80 -4.32
N THR B 444 -7.90 48.74 -3.02
CA THR B 444 -8.49 47.58 -2.38
C THR B 444 -9.77 47.99 -1.67
N TRP B 445 -10.45 47.00 -1.07
CA TRP B 445 -11.72 47.24 -0.40
C TRP B 445 -11.88 46.21 0.70
N TYR B 446 -11.92 46.65 1.96
CA TYR B 446 -11.99 45.68 3.06
C TYR B 446 -13.27 44.86 2.94
N LEU B 447 -13.20 43.60 3.38
CA LEU B 447 -14.35 42.69 3.33
C LEU B 447 -14.93 42.60 4.73
N ILE B 448 -16.04 43.31 4.96
CA ILE B 448 -16.58 43.38 6.33
C ILE B 448 -17.37 42.12 6.66
N GLY B 449 -18.27 41.71 5.79
CA GLY B 449 -19.05 40.52 6.05
C GLY B 449 -20.16 40.35 5.02
N ARG B 450 -21.06 39.42 5.33
CA ARG B 450 -22.17 39.08 4.47
C ARG B 450 -23.37 40.00 4.74
N LYS B 451 -24.25 40.09 3.74
CA LYS B 451 -25.47 40.88 3.89
C LYS B 451 -26.40 40.22 4.88
N VAL B 452 -26.93 41.01 5.82
CA VAL B 452 -27.88 40.47 6.79
C VAL B 452 -29.19 40.09 6.10
N ALA B 453 -29.66 40.93 5.18
CA ALA B 453 -30.93 40.67 4.52
C ALA B 453 -30.84 39.45 3.63
N ALA B 454 -31.98 38.76 3.49
CA ALA B 454 -32.06 37.57 2.64
C ALA B 454 -33.36 37.57 1.87
N GLN C 3 -29.68 34.99 25.61
CA GLN C 3 -29.23 33.63 25.80
C GLN C 3 -28.95 32.94 24.48
N TRP C 4 -27.68 32.87 24.09
CA TRP C 4 -27.28 32.14 22.90
C TRP C 4 -27.42 30.65 23.18
N GLN C 5 -28.47 30.03 22.64
CA GLN C 5 -28.71 28.61 22.90
C GLN C 5 -29.19 27.92 21.65
N LEU C 6 -28.95 26.62 21.60
CA LEU C 6 -29.46 25.74 20.56
C LEU C 6 -30.12 24.55 21.23
N VAL C 7 -31.35 24.23 20.84
CA VAL C 7 -32.05 23.07 21.38
C VAL C 7 -32.39 22.14 20.23
N GLU C 8 -32.08 20.86 20.43
CA GLU C 8 -32.35 19.79 19.48
C GLU C 8 -33.61 19.03 19.89
N SER C 9 -34.22 18.37 18.93
CA SER C 9 -35.43 17.60 19.18
C SER C 9 -35.66 16.62 18.03
N GLY C 10 -36.57 15.69 18.25
CA GLY C 10 -36.98 14.74 17.24
C GLY C 10 -36.40 13.34 17.38
N GLY C 11 -35.49 13.13 18.33
CA GLY C 11 -34.91 11.82 18.52
C GLY C 11 -35.85 10.85 19.22
N GLY C 12 -35.49 9.57 19.16
CA GLY C 12 -36.30 8.55 19.79
C GLY C 12 -35.89 7.15 19.34
N LEU C 13 -36.81 6.21 19.51
CA LEU C 13 -36.58 4.82 19.17
C LEU C 13 -37.13 4.50 17.80
N VAL C 14 -36.36 3.73 17.02
CA VAL C 14 -36.77 3.27 15.70
C VAL C 14 -36.07 1.95 15.41
N GLN C 15 -36.50 1.29 14.33
CA GLN C 15 -35.92 0.06 13.88
C GLN C 15 -34.91 0.33 12.77
N ALA C 16 -34.03 -0.64 12.52
CA ALA C 16 -33.07 -0.52 11.44
C ALA C 16 -33.80 -0.32 10.12
N GLY C 17 -33.37 0.69 9.37
CA GLY C 17 -34.00 1.04 8.11
C GLY C 17 -35.11 2.07 8.20
N GLY C 18 -35.42 2.57 9.40
CA GLY C 18 -36.47 3.56 9.56
C GLY C 18 -36.06 4.93 9.04
N SER C 19 -36.71 5.98 9.54
CA SER C 19 -36.38 7.33 9.13
C SER C 19 -36.76 8.31 10.23
N LEU C 20 -35.94 9.36 10.37
CA LEU C 20 -36.14 10.38 11.39
C LEU C 20 -35.95 11.76 10.78
N ARG C 21 -36.39 12.77 11.52
N ARG C 21 -36.40 12.77 11.51
CA ARG C 21 -36.13 14.17 11.19
CA ARG C 21 -36.12 14.17 11.20
C ARG C 21 -35.74 14.90 12.47
C ARG C 21 -35.74 14.89 12.48
N LEU C 22 -34.45 15.18 12.63
CA LEU C 22 -33.97 15.90 13.79
C LEU C 22 -34.04 17.40 13.53
N SER C 23 -34.51 18.14 14.53
CA SER C 23 -34.70 19.58 14.44
C SER C 23 -33.76 20.29 15.39
N CYS C 24 -33.22 21.42 14.93
CA CYS C 24 -32.30 22.24 15.71
C CYS C 24 -32.76 23.69 15.61
N THR C 25 -33.23 24.25 16.73
CA THR C 25 -33.66 25.64 16.75
C THR C 25 -32.75 26.44 17.67
N ALA C 26 -32.28 27.58 17.18
CA ALA C 26 -31.30 28.41 17.86
C ALA C 26 -31.89 29.79 18.15
N SER C 27 -31.56 30.32 19.33
CA SER C 27 -31.96 31.67 19.71
C SER C 27 -30.71 32.43 20.15
N GLY C 28 -30.55 33.64 19.62
CA GLY C 28 -29.42 34.49 19.91
C GLY C 28 -28.56 34.83 18.72
N ILE C 29 -28.84 34.29 17.54
CA ILE C 29 -28.07 34.54 16.33
C ILE C 29 -29.01 34.55 15.13
N ILE C 30 -28.45 34.92 13.98
CA ILE C 30 -29.17 34.92 12.70
C ILE C 30 -28.62 33.77 11.87
N LEU C 31 -29.49 32.84 11.49
CA LEU C 31 -29.01 31.63 10.80
C LEU C 31 -28.56 31.92 9.38
N SER C 32 -29.16 32.92 8.72
CA SER C 32 -28.77 33.20 7.33
C SER C 32 -27.29 33.50 7.20
N ILE C 33 -26.69 34.13 8.21
CA ILE C 33 -25.31 34.58 8.16
C ILE C 33 -24.36 33.65 8.89
N ASN C 34 -24.86 32.52 9.40
CA ASN C 34 -24.04 31.58 10.15
C ASN C 34 -24.22 30.19 9.58
N SER C 35 -23.12 29.44 9.54
CA SER C 35 -23.18 28.06 9.10
C SER C 35 -23.78 27.19 10.20
N MET C 36 -23.93 25.90 9.90
CA MET C 36 -24.51 24.99 10.88
C MET C 36 -23.96 23.59 10.60
N GLY C 37 -23.87 22.78 11.65
CA GLY C 37 -23.32 21.45 11.53
C GLY C 37 -23.94 20.52 12.54
N TRP C 38 -24.23 19.30 12.06
CA TRP C 38 -24.74 18.22 12.88
C TRP C 38 -23.63 17.22 13.15
N TYR C 39 -23.36 16.98 14.42
CA TYR C 39 -22.39 16.00 14.90
C TYR C 39 -23.11 14.89 15.64
N ARG C 40 -22.44 13.76 15.82
CA ARG C 40 -22.99 12.63 16.55
C ARG C 40 -21.94 12.08 17.50
N GLN C 41 -22.38 11.63 18.68
CA GLN C 41 -21.48 11.08 19.69
C GLN C 41 -21.97 9.69 20.07
N THR C 42 -21.10 8.70 19.95
CA THR C 42 -21.44 7.35 20.38
C THR C 42 -20.83 7.03 21.76
N ALA C 43 -19.50 7.13 21.87
CA ALA C 43 -18.76 6.86 23.09
C ALA C 43 -17.37 6.35 22.74
N GLY C 44 -17.25 5.62 21.64
CA GLY C 44 -15.98 5.06 21.23
C GLY C 44 -15.03 6.10 20.67
N ASN C 45 -15.54 7.30 20.42
CA ASN C 45 -14.77 8.43 19.96
C ASN C 45 -15.37 9.69 20.58
N GLU C 46 -14.73 10.84 20.37
CA GLU C 46 -15.34 12.11 20.68
C GLU C 46 -16.09 12.58 19.43
N ARG C 47 -16.87 13.64 19.60
CA ARG C 47 -18.03 13.85 18.74
C ARG C 47 -17.58 14.28 17.35
N GLU C 48 -18.11 13.59 16.33
CA GLU C 48 -17.67 13.74 14.95
C GLU C 48 -18.77 14.39 14.13
N TRP C 49 -18.35 15.15 13.12
CA TRP C 49 -19.30 15.91 12.30
C TRP C 49 -19.79 15.02 11.17
N VAL C 50 -21.11 14.91 11.05
CA VAL C 50 -21.73 14.13 9.98
C VAL C 50 -22.35 14.99 8.89
N ALA C 51 -22.85 16.19 9.23
CA ALA C 51 -23.45 17.02 8.20
C ALA C 51 -23.08 18.48 8.44
N PHE C 52 -23.05 19.25 7.36
CA PHE C 52 -22.70 20.66 7.45
C PHE C 52 -23.41 21.43 6.34
N SER C 53 -24.00 22.56 6.68
CA SER C 53 -24.65 23.46 5.73
C SER C 53 -24.08 24.86 5.92
N THR C 54 -23.62 25.47 4.84
CA THR C 54 -23.06 26.81 4.89
C THR C 54 -24.13 27.86 4.61
N ALA C 55 -23.76 29.12 4.85
CA ALA C 55 -24.61 30.23 4.42
C ALA C 55 -24.43 30.45 2.93
N GLY C 56 -25.47 30.15 2.15
CA GLY C 56 -25.41 30.14 0.70
C GLY C 56 -25.96 28.90 0.06
N GLY C 57 -26.17 27.83 0.84
CA GLY C 57 -26.80 26.62 0.35
C GLY C 57 -25.89 25.43 0.15
N SER C 58 -24.57 25.61 0.19
CA SER C 58 -23.67 24.49 0.03
C SER C 58 -23.79 23.52 1.21
N THR C 59 -23.75 22.23 0.91
CA THR C 59 -23.90 21.19 1.92
C THR C 59 -22.82 20.14 1.74
N THR C 60 -22.43 19.52 2.85
CA THR C 60 -21.46 18.43 2.82
C THR C 60 -21.79 17.43 3.91
N TYR C 61 -21.36 16.18 3.69
CA TYR C 61 -21.65 15.09 4.61
C TYR C 61 -20.41 14.20 4.73
N ALA C 62 -20.35 13.46 5.84
CA ALA C 62 -19.27 12.52 6.04
C ALA C 62 -19.44 11.31 5.12
N ASP C 63 -18.32 10.63 4.87
CA ASP C 63 -18.33 9.50 3.92
C ASP C 63 -19.24 8.38 4.42
N SER C 64 -19.19 8.08 5.72
CA SER C 64 -19.96 6.96 6.26
C SER C 64 -21.47 7.21 6.16
N VAL C 65 -21.89 8.44 5.88
CA VAL C 65 -23.29 8.82 5.96
C VAL C 65 -23.80 9.51 4.71
N LYS C 66 -22.97 9.66 3.67
CA LYS C 66 -23.40 10.35 2.47
C LYS C 66 -24.48 9.55 1.75
N GLY C 67 -25.51 10.26 1.28
CA GLY C 67 -26.59 9.67 0.52
C GLY C 67 -27.79 9.27 1.35
N ARG C 68 -27.62 9.13 2.66
CA ARG C 68 -28.70 8.72 3.56
C ARG C 68 -29.23 9.87 4.41
N PHE C 69 -28.38 10.83 4.76
CA PHE C 69 -28.75 11.96 5.59
C PHE C 69 -28.71 13.24 4.77
N THR C 70 -29.69 14.11 5.01
CA THR C 70 -29.82 15.36 4.25
C THR C 70 -30.03 16.51 5.22
N ILE C 71 -29.24 17.56 5.07
CA ILE C 71 -29.32 18.74 5.94
C ILE C 71 -29.99 19.87 5.17
N SER C 72 -30.94 20.53 5.81
CA SER C 72 -31.66 21.63 5.21
C SER C 72 -31.88 22.72 6.25
N ARG C 73 -32.29 23.89 5.77
CA ARG C 73 -32.48 25.06 6.63
C ARG C 73 -33.90 25.60 6.46
N ASP C 74 -34.36 26.29 7.49
CA ASP C 74 -35.64 27.02 7.44
C ASP C 74 -35.34 28.35 8.13
N ASN C 75 -35.22 29.39 7.30
CA ASN C 75 -34.65 30.64 7.77
C ASN C 75 -35.64 31.41 8.65
N ALA C 76 -36.91 31.41 8.25
CA ALA C 76 -37.94 32.11 9.03
C ALA C 76 -38.07 31.51 10.43
N LYS C 77 -38.06 30.18 10.53
CA LYS C 77 -38.12 29.53 11.83
C LYS C 77 -36.79 29.56 12.56
N ASN C 78 -35.71 29.90 11.87
CA ASN C 78 -34.38 29.90 12.48
C ASN C 78 -33.97 28.48 12.89
N THR C 79 -34.16 27.54 11.96
CA THR C 79 -34.00 26.13 12.29
C THR C 79 -33.20 25.41 11.22
N VAL C 80 -32.60 24.30 11.63
CA VAL C 80 -31.89 23.39 10.73
C VAL C 80 -32.45 21.99 10.96
N TYR C 81 -32.72 21.28 9.86
CA TYR C 81 -33.33 19.97 9.90
C TYR C 81 -32.40 18.93 9.28
N LEU C 82 -32.36 17.76 9.89
CA LEU C 82 -31.58 16.62 9.41
C LEU C 82 -32.53 15.46 9.14
N GLN C 83 -32.81 15.24 7.85
CA GLN C 83 -33.44 14.01 7.41
C GLN C 83 -32.47 12.85 7.59
N MET C 84 -32.93 11.79 8.24
CA MET C 84 -32.17 10.56 8.42
C MET C 84 -32.94 9.42 7.78
N ASN C 85 -32.30 8.70 6.89
CA ASN C 85 -32.90 7.59 6.16
C ASN C 85 -31.96 6.40 6.15
N SER C 86 -32.53 5.21 5.96
CA SER C 86 -31.76 3.97 5.90
C SER C 86 -30.86 3.84 7.12
N LEU C 87 -31.44 4.05 8.29
CA LEU C 87 -30.67 4.03 9.52
C LEU C 87 -30.10 2.65 9.79
N LYS C 88 -28.96 2.62 10.47
CA LYS C 88 -28.22 1.41 10.78
C LYS C 88 -27.83 1.44 12.25
N PRO C 89 -27.45 0.30 12.81
CA PRO C 89 -27.05 0.29 14.24
C PRO C 89 -25.88 1.20 14.54
N GLU C 90 -25.02 1.49 13.55
N GLU C 90 -25.03 1.48 13.55
CA GLU C 90 -23.87 2.34 13.79
CA GLU C 90 -23.87 2.34 13.77
C GLU C 90 -24.26 3.79 14.08
C GLU C 90 -24.27 3.78 14.08
N ASP C 91 -25.48 4.19 13.71
CA ASP C 91 -25.92 5.57 13.87
C ASP C 91 -26.54 5.85 15.24
N THR C 92 -26.72 4.84 16.08
CA THR C 92 -27.23 5.07 17.43
C THR C 92 -26.26 5.94 18.19
N ALA C 93 -26.71 7.10 18.64
CA ALA C 93 -25.82 8.09 19.23
C ALA C 93 -26.65 9.20 19.87
N VAL C 94 -25.95 10.24 20.31
CA VAL C 94 -26.56 11.52 20.70
C VAL C 94 -26.11 12.54 19.67
N TYR C 95 -27.07 13.19 19.03
CA TYR C 95 -26.80 14.12 17.95
C TYR C 95 -26.87 15.55 18.47
N TYR C 96 -25.91 16.37 18.04
CA TYR C 96 -25.79 17.76 18.46
C TYR C 96 -25.71 18.67 17.24
N CYS C 97 -26.01 19.95 17.47
CA CYS C 97 -26.11 20.98 16.46
C CYS C 97 -25.32 22.19 16.89
N ASN C 98 -24.48 22.73 15.99
CA ASN C 98 -23.77 23.96 16.34
C ASN C 98 -23.21 24.69 15.13
N THR C 99 -22.70 25.89 15.42
CA THR C 99 -21.81 26.68 14.59
C THR C 99 -20.36 26.34 14.93
N PRO C 100 -19.42 26.64 14.03
CA PRO C 100 -18.00 26.36 14.35
C PRO C 100 -17.51 27.05 15.61
N ALA C 101 -17.94 28.29 15.84
CA ALA C 101 -17.47 29.02 17.03
C ALA C 101 -17.84 28.28 18.29
N GLY C 102 -19.11 27.89 18.43
CA GLY C 102 -19.51 27.09 19.57
C GLY C 102 -18.82 25.73 19.60
N ARG C 103 -18.57 25.15 18.42
CA ARG C 103 -17.92 23.85 18.38
C ARG C 103 -16.54 23.91 19.03
N VAL C 104 -15.73 24.89 18.63
CA VAL C 104 -14.38 24.98 19.19
C VAL C 104 -14.39 25.61 20.57
N GLY C 105 -15.44 26.34 20.94
CA GLY C 105 -15.55 26.90 22.27
C GLY C 105 -16.08 25.95 23.32
N GLY C 106 -16.66 24.83 22.91
CA GLY C 106 -17.17 23.83 23.84
C GLY C 106 -18.55 24.13 24.40
N THR C 107 -19.20 25.20 23.98
CA THR C 107 -20.51 25.60 24.51
C THR C 107 -21.62 24.98 23.67
N TRP C 108 -22.25 23.93 24.19
CA TRP C 108 -23.34 23.24 23.51
C TRP C 108 -24.58 23.14 24.39
N GLY C 109 -25.64 22.62 23.77
CA GLY C 109 -26.83 22.21 24.48
C GLY C 109 -26.74 20.76 24.91
N GLN C 110 -27.91 20.17 25.13
CA GLN C 110 -27.99 18.82 25.67
C GLN C 110 -28.10 17.73 24.62
N GLY C 111 -28.26 18.10 23.34
CA GLY C 111 -28.34 17.12 22.28
C GLY C 111 -29.68 16.41 22.24
N THR C 112 -29.77 15.43 21.34
CA THR C 112 -30.97 14.60 21.19
C THR C 112 -30.57 13.15 20.97
N PRO C 113 -31.21 12.20 21.66
CA PRO C 113 -30.81 10.80 21.51
C PRO C 113 -31.49 10.13 20.33
N VAL C 114 -30.74 9.28 19.64
CA VAL C 114 -31.28 8.46 18.55
C VAL C 114 -30.80 7.03 18.75
N THR C 115 -31.74 6.09 18.75
CA THR C 115 -31.47 4.68 18.98
C THR C 115 -31.99 3.85 17.82
N VAL C 116 -31.17 2.94 17.33
CA VAL C 116 -31.51 2.07 16.20
C VAL C 116 -31.47 0.64 16.72
N SER C 117 -32.66 0.04 16.88
CA SER C 117 -32.77 -1.34 17.36
C SER C 117 -34.21 -1.77 17.19
N SER C 118 -34.45 -3.06 17.41
CA SER C 118 -35.77 -3.66 17.25
C SER C 118 -36.44 -3.82 18.61
N HIS C 119 -37.66 -3.32 18.72
CA HIS C 119 -38.42 -3.42 19.96
C HIS C 119 -39.90 -3.14 19.70
N GLN D 3 42.69 21.45 -21.88
CA GLN D 3 41.69 20.44 -22.24
C GLN D 3 41.10 19.79 -21.00
N TRP D 4 39.93 20.24 -20.59
CA TRP D 4 39.21 19.60 -19.49
C TRP D 4 38.70 18.24 -19.95
N GLN D 5 39.36 17.16 -19.53
CA GLN D 5 38.99 15.83 -19.97
C GLN D 5 39.08 14.85 -18.81
N LEU D 6 38.30 13.77 -18.92
CA LEU D 6 38.35 12.64 -18.01
C LEU D 6 38.45 11.38 -18.84
N VAL D 7 39.41 10.53 -18.53
CA VAL D 7 39.57 9.25 -19.22
C VAL D 7 39.44 8.12 -18.20
N GLU D 8 38.61 7.14 -18.55
CA GLU D 8 38.37 5.95 -17.75
C GLU D 8 39.19 4.78 -18.28
N SER D 9 39.42 3.81 -17.41
CA SER D 9 40.20 2.63 -17.79
C SER D 9 39.94 1.52 -16.78
N GLY D 10 40.37 0.31 -17.14
CA GLY D 10 40.30 -0.84 -16.25
C GLY D 10 39.19 -1.81 -16.56
N GLY D 11 38.30 -1.50 -17.51
CA GLY D 11 37.22 -2.40 -17.83
C GLY D 11 37.67 -3.58 -18.67
N GLY D 12 36.79 -4.58 -18.77
CA GLY D 12 37.10 -5.76 -19.54
C GLY D 12 36.12 -6.89 -19.25
N LEU D 13 36.56 -8.11 -19.57
CA LEU D 13 35.74 -9.30 -19.40
C LEU D 13 36.05 -9.98 -18.08
N VAL D 14 35.00 -10.43 -17.38
CA VAL D 14 35.13 -11.18 -16.14
C VAL D 14 33.93 -12.10 -16.00
N GLN D 15 34.00 -13.01 -15.03
CA GLN D 15 32.91 -13.92 -14.71
C GLN D 15 32.09 -13.36 -13.55
N ALA D 16 30.87 -13.89 -13.41
CA ALA D 16 30.03 -13.50 -12.29
C ALA D 16 30.73 -13.78 -10.98
N GLY D 17 30.76 -12.79 -10.09
CA GLY D 17 31.44 -12.91 -8.82
C GLY D 17 32.88 -12.45 -8.81
N GLY D 18 33.41 -11.99 -9.94
CA GLY D 18 34.78 -11.54 -10.01
C GLY D 18 34.99 -10.21 -9.32
N SER D 19 36.05 -9.49 -9.69
CA SER D 19 36.33 -8.18 -9.10
C SER D 19 37.12 -7.34 -10.09
N LEU D 20 36.84 -6.03 -10.08
CA LEU D 20 37.48 -5.08 -10.97
C LEU D 20 37.88 -3.84 -10.20
N ARG D 21 38.74 -3.03 -10.82
N ARG D 21 38.76 -3.03 -10.81
CA ARG D 21 39.10 -1.71 -10.31
CA ARG D 21 39.09 -1.70 -10.31
C ARG D 21 39.11 -0.74 -11.48
C ARG D 21 39.09 -0.74 -11.49
N LEU D 22 38.06 0.09 -11.58
CA LEU D 22 37.97 1.10 -12.62
C LEU D 22 38.67 2.37 -12.18
N SER D 23 39.44 2.95 -13.09
CA SER D 23 40.24 4.13 -12.82
C SER D 23 39.72 5.30 -13.66
N CYS D 24 39.70 6.49 -13.06
CA CYS D 24 39.26 7.71 -13.70
C CYS D 24 40.29 8.79 -13.44
N THR D 25 40.99 9.24 -14.49
CA THR D 25 41.98 10.29 -14.35
C THR D 25 41.53 11.51 -15.14
N ALA D 26 41.59 12.67 -14.50
CA ALA D 26 41.08 13.92 -15.05
C ALA D 26 42.21 14.93 -15.18
N SER D 27 42.17 15.69 -16.27
CA SER D 27 43.12 16.78 -16.50
C SER D 27 42.33 18.05 -16.80
N GLY D 28 42.70 19.14 -16.13
CA GLY D 28 42.06 20.42 -16.29
C GLY D 28 41.39 20.96 -15.04
N ILE D 29 41.37 20.19 -13.95
CA ILE D 29 40.74 20.61 -12.70
C ILE D 29 41.56 20.07 -11.53
N ILE D 30 41.18 20.49 -10.32
CA ILE D 30 41.79 20.02 -9.09
C ILE D 30 40.76 19.14 -8.38
N LEU D 31 41.14 17.88 -8.14
CA LEU D 31 40.17 16.93 -7.60
C LEU D 31 39.84 17.21 -6.13
N SER D 32 40.79 17.77 -5.37
CA SER D 32 40.52 18.01 -3.96
C SER D 32 39.31 18.90 -3.75
N ILE D 33 39.06 19.84 -4.66
CA ILE D 33 38.01 20.84 -4.51
C ILE D 33 36.79 20.50 -5.34
N ASN D 34 36.76 19.35 -5.99
CA ASN D 34 35.64 18.94 -6.84
C ASN D 34 35.18 17.55 -6.45
N SER D 35 33.87 17.34 -6.47
CA SER D 35 33.31 16.03 -6.20
C SER D 35 33.52 15.12 -7.43
N MET D 36 33.09 13.87 -7.29
CA MET D 36 33.25 12.92 -8.38
C MET D 36 32.15 11.88 -8.27
N GLY D 37 31.76 11.33 -9.40
CA GLY D 37 30.68 10.36 -9.43
C GLY D 37 30.87 9.37 -10.56
N TRP D 38 30.59 8.11 -10.25
CA TRP D 38 30.61 7.02 -11.21
C TRP D 38 29.18 6.64 -11.56
N TYR D 39 28.88 6.69 -12.86
CA TYR D 39 27.60 6.30 -13.42
C TYR D 39 27.80 5.09 -14.32
N ARG D 40 26.71 4.38 -14.62
CA ARG D 40 26.75 3.22 -15.50
C ARG D 40 25.60 3.30 -16.48
N GLN D 41 25.83 2.85 -17.72
CA GLN D 41 24.81 2.87 -18.75
C GLN D 41 24.68 1.46 -19.32
N THR D 42 23.46 0.93 -19.31
CA THR D 42 23.20 -0.37 -19.92
C THR D 42 22.56 -0.23 -21.30
N ALA D 43 21.42 0.45 -21.36
CA ALA D 43 20.65 0.68 -22.59
C ALA D 43 19.17 0.79 -22.27
N GLY D 44 18.72 0.04 -21.27
CA GLY D 44 17.31 0.03 -20.89
C GLY D 44 16.89 1.31 -20.19
N ASN D 45 17.85 2.13 -19.81
CA ASN D 45 17.63 3.43 -19.19
C ASN D 45 18.74 4.36 -19.67
N GLU D 46 18.64 5.64 -19.30
CA GLU D 46 19.75 6.55 -19.46
C GLU D 46 20.59 6.50 -18.19
N ARG D 47 21.75 7.12 -18.25
CA ARG D 47 22.87 6.72 -17.39
C ARG D 47 22.60 7.12 -15.95
N GLU D 48 22.74 6.15 -15.04
CA GLU D 48 22.38 6.31 -13.65
C GLU D 48 23.62 6.31 -12.77
N TRP D 49 23.55 7.06 -11.67
CA TRP D 49 24.69 7.23 -10.78
C TRP D 49 24.72 6.08 -9.78
N VAL D 50 25.87 5.40 -9.70
CA VAL D 50 26.04 4.31 -8.76
C VAL D 50 26.94 4.68 -7.59
N ALA D 51 27.92 5.57 -7.78
CA ALA D 51 28.80 5.94 -6.68
C ALA D 51 29.09 7.43 -6.74
N PHE D 52 29.35 8.00 -5.56
CA PHE D 52 29.66 9.42 -5.47
C PHE D 52 30.59 9.66 -4.28
N SER D 53 31.62 10.47 -4.50
CA SER D 53 32.56 10.87 -3.46
C SER D 53 32.66 12.39 -3.47
N THR D 54 32.47 13.01 -2.31
CA THR D 54 32.54 14.45 -2.18
C THR D 54 33.95 14.89 -1.81
N ALA D 55 34.17 16.20 -1.87
CA ALA D 55 35.40 16.78 -1.33
C ALA D 55 35.28 16.88 0.18
N GLY D 56 36.06 16.08 0.89
CA GLY D 56 35.96 15.92 2.33
C GLY D 56 35.90 14.48 2.80
N GLY D 57 35.65 13.53 1.89
CA GLY D 57 35.70 12.12 2.21
C GLY D 57 34.35 11.42 2.28
N SER D 58 33.25 12.16 2.30
CA SER D 58 31.94 11.52 2.34
C SER D 58 31.68 10.75 1.05
N THR D 59 31.07 9.58 1.19
CA THR D 59 30.79 8.70 0.06
C THR D 59 29.35 8.21 0.13
N THR D 60 28.77 7.96 -1.04
CA THR D 60 27.43 7.40 -1.11
C THR D 60 27.32 6.50 -2.33
N TYR D 61 26.40 5.54 -2.26
CA TYR D 61 26.22 4.54 -3.31
C TYR D 61 24.73 4.30 -3.51
N ALA D 62 24.39 3.79 -4.70
CA ALA D 62 23.01 3.44 -4.99
C ALA D 62 22.61 2.18 -4.23
N ASP D 63 21.31 2.01 -4.03
CA ASP D 63 20.81 0.88 -3.24
C ASP D 63 21.16 -0.45 -3.90
N SER D 64 21.02 -0.53 -5.22
CA SER D 64 21.26 -1.80 -5.91
C SER D 64 22.72 -2.23 -5.82
N VAL D 65 23.62 -1.35 -5.40
CA VAL D 65 25.05 -1.61 -5.46
C VAL D 65 25.76 -1.35 -4.15
N LYS D 66 25.05 -0.99 -3.09
CA LYS D 66 25.69 -0.71 -1.82
C LYS D 66 26.31 -1.97 -1.23
N GLY D 67 27.52 -1.85 -0.69
CA GLY D 67 28.22 -2.93 -0.05
C GLY D 67 29.17 -3.70 -0.95
N ARG D 68 28.99 -3.59 -2.27
CA ARG D 68 29.82 -4.31 -3.23
C ARG D 68 30.81 -3.41 -3.94
N PHE D 69 30.47 -2.14 -4.15
CA PHE D 69 31.31 -1.19 -4.84
C PHE D 69 31.81 -0.13 -3.87
N THR D 70 33.07 0.26 -4.02
CA THR D 70 33.70 1.22 -3.13
C THR D 70 34.40 2.28 -3.95
N ILE D 71 34.15 3.55 -3.65
CA ILE D 71 34.74 4.67 -4.37
C ILE D 71 35.81 5.30 -3.49
N SER D 72 36.98 5.56 -4.06
CA SER D 72 38.09 6.16 -3.35
C SER D 72 38.79 7.17 -4.25
N ARG D 73 39.64 7.98 -3.64
CA ARG D 73 40.35 9.05 -4.35
C ARG D 73 41.84 8.89 -4.15
N ASP D 74 42.61 9.45 -5.10
CA ASP D 74 44.06 9.55 -5.00
C ASP D 74 44.40 10.94 -5.50
N ASN D 75 44.70 11.82 -4.56
CA ASN D 75 44.74 13.24 -4.85
C ASN D 75 45.99 13.62 -5.64
N ALA D 76 47.12 13.01 -5.29
CA ALA D 76 48.37 13.30 -5.99
C ALA D 76 48.28 12.88 -7.46
N LYS D 77 47.71 11.69 -7.72
CA LYS D 77 47.52 11.24 -9.10
C LYS D 77 46.35 11.94 -9.78
N ASN D 78 45.50 12.63 -9.03
CA ASN D 78 44.32 13.28 -9.60
C ASN D 78 43.36 12.23 -10.17
N THR D 79 43.09 11.19 -9.39
CA THR D 79 42.34 10.04 -9.88
C THR D 79 41.29 9.61 -8.87
N VAL D 80 40.27 8.93 -9.41
CA VAL D 80 39.22 8.29 -8.61
C VAL D 80 39.13 6.83 -9.02
N TYR D 81 39.04 5.95 -8.02
CA TYR D 81 39.03 4.52 -8.24
C TYR D 81 37.72 3.92 -7.74
N LEU D 82 37.20 2.96 -8.49
CA LEU D 82 35.99 2.22 -8.13
C LEU D 82 36.35 0.74 -8.02
N GLN D 83 36.47 0.27 -6.78
CA GLN D 83 36.47 -1.16 -6.51
C GLN D 83 35.11 -1.76 -6.81
N MET D 84 35.10 -2.82 -7.59
CA MET D 84 33.89 -3.57 -7.91
C MET D 84 34.07 -5.00 -7.44
N ASN D 85 33.15 -5.48 -6.61
CA ASN D 85 33.20 -6.82 -6.06
C ASN D 85 31.83 -7.48 -6.17
N SER D 86 31.83 -8.81 -6.13
CA SER D 86 30.61 -9.59 -6.20
C SER D 86 29.77 -9.17 -7.41
N LEU D 87 30.43 -9.09 -8.57
CA LEU D 87 29.76 -8.63 -9.78
C LEU D 87 28.66 -9.59 -10.19
N LYS D 88 27.64 -9.04 -10.84
CA LYS D 88 26.46 -9.76 -11.28
C LYS D 88 26.17 -9.39 -12.73
N PRO D 89 25.35 -10.18 -13.42
CA PRO D 89 25.04 -9.85 -14.82
C PRO D 89 24.38 -8.49 -14.98
N GLU D 90 23.71 -7.99 -13.94
N GLU D 90 23.70 -7.99 -13.95
CA GLU D 90 23.04 -6.70 -14.05
CA GLU D 90 23.03 -6.70 -14.03
C GLU D 90 24.02 -5.54 -14.17
C GLU D 90 24.02 -5.55 -14.17
N ASP D 91 25.27 -5.74 -13.77
CA ASP D 91 26.27 -4.69 -13.78
C ASP D 91 27.00 -4.54 -15.11
N THR D 92 26.74 -5.41 -16.08
CA THR D 92 27.35 -5.26 -17.40
C THR D 92 26.87 -3.97 -18.03
N ALA D 93 27.81 -3.07 -18.34
CA ALA D 93 27.43 -1.73 -18.79
C ALA D 93 28.68 -1.02 -19.30
N VAL D 94 28.51 0.28 -19.59
CA VAL D 94 29.61 1.19 -19.83
C VAL D 94 29.62 2.18 -18.68
N TYR D 95 30.75 2.27 -17.98
CA TYR D 95 30.87 3.09 -16.79
C TYR D 95 31.57 4.40 -17.13
N TYR D 96 31.04 5.50 -16.58
CA TYR D 96 31.55 6.83 -16.82
C TYR D 96 31.82 7.54 -15.50
N CYS D 97 32.65 8.58 -15.59
CA CYS D 97 33.15 9.33 -14.45
C CYS D 97 32.97 10.82 -14.70
N ASN D 98 32.41 11.54 -13.73
CA ASN D 98 32.30 12.99 -13.91
C ASN D 98 32.08 13.74 -12.60
N THR D 99 32.15 15.06 -12.74
CA THR D 99 31.66 16.05 -11.79
C THR D 99 30.22 16.42 -12.13
N PRO D 100 29.47 16.99 -11.19
CA PRO D 100 28.08 17.37 -11.49
C PRO D 100 27.97 18.36 -12.65
N ALA D 101 28.89 19.32 -12.74
CA ALA D 101 28.83 20.32 -13.81
C ALA D 101 28.88 19.64 -15.17
N GLY D 102 29.86 18.77 -15.38
CA GLY D 102 29.91 18.02 -16.62
C GLY D 102 28.72 17.11 -16.80
N ARG D 103 28.20 16.55 -15.70
CA ARG D 103 27.05 15.66 -15.80
C ARG D 103 25.86 16.38 -16.40
N VAL D 104 25.52 17.56 -15.88
CA VAL D 104 24.37 18.29 -16.38
C VAL D 104 24.69 19.02 -17.67
N GLY D 105 25.97 19.27 -17.97
CA GLY D 105 26.35 19.88 -19.23
C GLY D 105 26.46 18.93 -20.40
N GLY D 106 26.47 17.62 -20.14
CA GLY D 106 26.55 16.64 -21.20
C GLY D 106 27.93 16.38 -21.76
N THR D 107 28.97 17.00 -21.22
CA THR D 107 30.33 16.86 -21.73
C THR D 107 31.04 15.72 -21.00
N TRP D 108 31.18 14.57 -21.66
CA TRP D 108 31.84 13.40 -21.10
C TRP D 108 32.94 12.89 -22.01
N GLY D 109 33.66 11.90 -21.49
CA GLY D 109 34.57 11.11 -22.27
C GLY D 109 33.88 9.90 -22.87
N GLN D 110 34.70 8.90 -23.19
CA GLN D 110 34.21 7.72 -23.91
C GLN D 110 33.81 6.58 -22.99
N GLY D 111 34.07 6.68 -21.69
CA GLY D 111 33.68 5.64 -20.76
C GLY D 111 34.58 4.41 -20.83
N THR D 112 34.21 3.39 -20.07
CA THR D 112 34.93 2.12 -20.06
C THR D 112 33.95 0.97 -20.00
N PRO D 113 34.14 -0.07 -20.82
CA PRO D 113 33.17 -1.18 -20.84
C PRO D 113 33.47 -2.21 -19.76
N VAL D 114 32.41 -2.74 -19.16
CA VAL D 114 32.50 -3.83 -18.20
C VAL D 114 31.46 -4.88 -18.56
N THR D 115 31.91 -6.12 -18.70
CA THR D 115 31.05 -7.24 -19.10
C THR D 115 31.13 -8.34 -18.06
N VAL D 116 29.98 -8.87 -17.66
CA VAL D 116 29.88 -9.93 -16.66
C VAL D 116 29.25 -11.13 -17.35
N SER D 117 30.07 -12.16 -17.61
CA SER D 117 29.60 -13.38 -18.25
C SER D 117 30.71 -14.41 -18.18
N SER D 118 30.37 -15.64 -18.57
CA SER D 118 31.30 -16.77 -18.51
C SER D 118 31.87 -17.03 -19.89
N HIS D 119 33.20 -17.09 -19.98
CA HIS D 119 33.88 -17.37 -21.23
C HIS D 119 35.33 -17.77 -20.98
CA7 ONM E . 3.21 34.61 -13.59
NA1 ONM E . 3.70 34.00 -12.33
CA6 ONM E . 4.06 32.62 -12.28
CA5 ONM E . 3.73 31.78 -13.32
CA4 ONM E . 4.07 30.45 -13.28
CA3 ONM E . 4.77 29.94 -12.19
CA2 ONM E . 5.11 30.78 -11.14
CA1 ONM E . 4.75 32.12 -11.19
CA ONM E . 5.16 33.06 -9.98
OA ONM E . 4.73 34.17 -9.92
O3' ONM E . 6.04 32.55 -8.97
C3' ONM E . 6.28 33.37 -7.90
C2' ONM E . 5.34 33.04 -6.78
O2' ONM E . 3.98 32.66 -7.30
C4' ONM E . 7.71 33.04 -7.30
C5' ONM E . 8.50 34.35 -7.03
O5' ONM E . 7.84 35.11 -6.02
PA ONM E . 8.69 35.52 -4.70
O3A ONM E . 7.74 36.00 -3.62
O2A ONM E . 9.47 34.33 -4.19
O1A ONM E . 9.76 36.75 -5.07
PB ONM E . 10.63 36.84 -6.46
O3B ONM E . 11.33 35.53 -6.73
O2B ONM E . 9.74 37.19 -7.62
O1B ONM E . 11.78 38.02 -6.28
PG ONM E . 12.80 38.05 -4.98
O2G ONM E . 14.15 37.51 -5.40
O3G ONM E . 12.23 37.18 -3.88
O1G ONM E . 12.96 39.48 -4.48
O4' ONM E . 7.51 32.41 -6.20
C1' ONM E . 5.94 31.99 -6.22
N9 ONM E . 5.46 31.73 -4.91
C8 ONM E . 5.77 32.48 -3.83
N7 ONM E . 5.14 31.94 -2.75
C5 ONM E . 4.47 30.88 -3.17
C4 ONM E . 4.67 30.75 -4.51
N3 ONM E . 4.02 29.63 -5.27
C2 ONM E . 3.17 28.67 -4.58
N2 ONM E . 2.55 27.58 -5.32
N1 ONM E . 2.95 28.80 -3.16
C6 ONM E . 3.57 29.87 -2.43
O6 ONM E . 3.40 29.97 -1.26
HA71 ONM E . 2.38 34.18 -13.86
HA72 ONM E . 3.07 35.56 -13.47
HA73 ONM E . 3.88 34.47 -14.29
HA1 ONM E . 3.76 34.48 -11.62
HA5 ONM E . 3.26 32.12 -14.06
HA4 ONM E . 3.85 29.89 -13.98
HA3 ONM E . 5.00 29.04 -12.15
HA2 ONM E . 5.57 30.45 -10.41
H3' ONM E . 6.21 34.31 -8.14
H1 ONM E . 5.28 33.78 -6.15
H2' ONM E . 3.47 32.50 -6.65
H4' ONM E . 8.20 32.48 -7.92
H5'1 ONM E . 9.39 34.13 -6.72
H5'2 ONM E . 8.55 34.88 -7.83
H1' ONM E . 5.82 31.21 -6.79
H8 ONM E . 6.32 33.23 -3.82
HN21 ONM E . 2.68 27.51 -6.17
HN22 ONM E . 2.04 27.01 -4.90
HN1 ONM E . 2.45 28.23 -2.75
MN MN F . 12.88 35.44 -6.02
MN MN G . 10.96 33.45 -3.37
CA7 ONM H . 11.85 30.50 17.94
NA1 ONM H . 11.18 30.34 16.62
CA6 ONM H . 10.25 29.27 16.41
CA5 ONM H . 10.15 28.25 17.33
CA4 ONM H . 9.26 27.21 17.13
CA3 ONM H . 8.45 27.21 16.01
CA2 ONM H . 8.54 28.24 15.08
CA1 ONM H . 9.44 29.27 15.29
CA ONM H . 9.53 30.43 14.21
OA ONM H . 10.40 31.24 14.29
O3' ONM H . 8.55 30.49 13.18
C3' ONM H . 8.72 31.46 12.23
C2' ONM H . 9.45 30.90 11.05
O2' ONM H . 10.48 29.90 11.47
C4' ONM H . 7.30 31.87 11.64
C5' ONM H . 7.18 33.42 11.55
O5' ONM H . 8.12 33.93 10.63
PA ONM H . 7.58 34.84 9.39
O3A ONM H . 8.67 34.98 8.36
O2A ONM H . 6.38 34.18 8.77
O1A ONM H . 7.15 36.35 9.95
PB ONM H . 6.37 36.64 11.37
O3B ONM H . 5.15 35.75 11.49
O2B ONM H . 7.29 36.41 12.54
O1B ONM H . 5.86 38.21 11.37
PG ONM H . 4.98 38.86 10.11
O2G ONM H . 3.52 38.91 10.50
O3G ONM H . 5.15 37.96 8.89
O1G ONM H . 5.48 40.25 9.80
O4' ONM H . 7.24 31.36 10.46
C1' ONM H . 8.46 30.30 10.38
N9 ONM H . 8.81 30.03 9.03
C8 ONM H . 8.89 30.96 8.06
N7 ONM H . 9.26 30.34 6.91
C5 ONM H . 9.39 29.05 7.17
C4 ONM H . 9.12 28.85 8.49
N3 ONM H . 9.19 27.48 9.08
C2 ONM H . 9.55 26.34 8.25
N2 ONM H . 9.62 25.00 8.82
N1 ONM H . 9.84 26.53 6.85
C6 ONM H . 9.78 27.85 6.28
O6 ONM H . 10.01 28.02 5.13
HA71 ONM H . 12.40 29.72 18.12
HA72 ONM H . 12.39 31.30 17.93
HA73 ONM H . 11.16 30.58 18.63
HA1 ONM H . 11.36 30.89 15.98
HA5 ONM H . 10.69 28.25 18.08
HA4 ONM H . 9.19 26.53 17.74
HA3 ONM H . 7.84 26.52 15.86
HA2 ONM H . 8.00 28.24 14.33
H3' ONM H . 9.18 32.24 12.59
H1 ONM H . 9.84 31.61 10.52
H2' ONM H . 10.89 29.61 10.80
H4' ONM H . 6.60 31.51 12.19
H5'1 ONM H . 6.29 33.65 11.25
H5'2 ONM H . 7.33 33.81 12.42
H1' ONM H . 8.22 29.48 10.84
H8 ONM H . 8.74 31.87 8.16
HN21 ONM H . 9.44 24.89 9.66
HN22 ONM H . 9.83 24.33 8.33
HN1 ONM H . 10.06 25.87 6.36
MN MN I . 3.75 36.43 10.82
MN MN J . 4.67 34.15 7.88
#